data_5VVU
#
_entry.id   5VVU
#
_cell.length_a   82.507
_cell.length_b   96.060
_cell.length_c   88.968
_cell.angle_alpha   90.00
_cell.angle_beta   114.51
_cell.angle_gamma   90.00
#
_symmetry.space_group_name_H-M   'P 1 21 1'
#
loop_
_entity.id
_entity.type
_entity.pdbx_description
1 polymer 'Protein O-GlcNAcase'
2 polymer 'TAB1 peptide'
3 non-polymer 2-acetamido-2-deoxy-beta-D-glucopyranose
4 water water
#
loop_
_entity_poly.entity_id
_entity_poly.type
_entity_poly.pdbx_seq_one_letter_code
_entity_poly.pdbx_strand_id
1 'polypeptide(L)'
;HFLCGVVEGFYGRPWVMEQRKELFRRLQKWELNTYLYAPKDDYKHRMFWREMYSVEEAEQLMTLISAAREYEIEFIYAIS
PGLDITFSNPKEVSTLKRKLDQVSQFGCRSFALLFDNIDHNMCAADKEVFSSFAHAQVSITNEIYQYLGEPETFLFCPTE
YCGTFCYPNVSQSPYLRTVGEKLLPGIEVLWTGPKVVSKEIPVESIEEVSKIIKRAPVIWDNIHANDYDQKRLFLGPYKG
RSTELIPRLKGVLTNPNCEFEANYVAIHTLATWYKSNMNGVRKDVVMTDSEDSTVSIQIKLENEGSDEDIETDVLYSPQM
ALKLALTEWLQEFGVPHQYSSRGGGGSGGGGSVTLEDLQLLADLFYLPYEHGPKGAQMLREFQWLRANSSVVSVNCKGKD
SEKIEEWRSRAAKFEEMCGLVMGMFTRLSNCANRTILYDMYSYVWDIKSIMSMVKSFVQWLGCRSHSSAQFLIGDQEPWA
FRGGLAGEFQRLLPIDGANDLFFQ
;
A,C
2 'polypeptide(L)' VPYSSAQ B,D
#
# COMPACT_ATOMS: atom_id res chain seq x y z
N HIS A 1 -15.03 35.02 5.74
CA HIS A 1 -13.95 34.55 4.80
C HIS A 1 -14.07 33.05 4.45
N PHE A 2 -13.97 32.75 3.16
CA PHE A 2 -14.28 31.43 2.58
C PHE A 2 -13.15 30.44 2.74
N LEU A 3 -13.48 29.24 3.18
CA LEU A 3 -12.44 28.27 3.51
C LEU A 3 -12.17 27.28 2.39
N CYS A 4 -10.91 27.18 1.98
CA CYS A 4 -10.58 26.22 0.92
C CYS A 4 -9.20 25.59 1.07
N GLY A 5 -9.17 24.27 1.02
CA GLY A 5 -7.90 23.58 1.24
C GLY A 5 -8.06 22.08 1.37
N VAL A 6 -7.22 21.49 2.21
CA VAL A 6 -7.21 20.05 2.43
C VAL A 6 -7.54 19.71 3.88
N VAL A 7 -8.29 18.62 4.04
CA VAL A 7 -8.44 17.94 5.30
C VAL A 7 -7.68 16.63 5.20
N GLU A 8 -6.78 16.40 6.18
CA GLU A 8 -6.12 15.13 6.35
C GLU A 8 -7.09 14.33 7.22
N GLY A 9 -8.09 13.71 6.57
CA GLY A 9 -9.18 13.07 7.29
C GLY A 9 -9.47 11.64 6.92
N PHE A 10 -8.45 10.89 6.52
CA PHE A 10 -8.70 9.53 6.08
C PHE A 10 -8.26 8.49 7.09
N TYR A 11 -8.77 7.28 6.91
CA TYR A 11 -8.28 6.14 7.65
C TYR A 11 -6.96 5.66 7.11
N GLY A 12 -6.13 5.12 8.01
CA GLY A 12 -4.83 4.52 7.67
C GLY A 12 -3.71 5.40 8.17
N ARG A 13 -2.51 5.10 7.66
CA ARG A 13 -1.28 5.80 8.06
C ARG A 13 -1.43 7.27 7.80
N PRO A 14 -1.43 8.12 8.86
CA PRO A 14 -1.46 9.58 8.64
C PRO A 14 -0.13 10.09 8.06
N TRP A 15 -0.17 11.30 7.51
CA TRP A 15 1.03 11.98 7.03
C TRP A 15 1.90 12.37 8.19
N VAL A 16 3.19 12.38 7.93
CA VAL A 16 4.18 12.77 8.91
C VAL A 16 4.39 14.28 8.81
N MET A 17 4.91 14.85 9.90
CA MET A 17 5.11 16.29 10.05
C MET A 17 5.77 16.94 8.83
N GLU A 18 6.79 16.26 8.30
CA GLU A 18 7.52 16.81 7.17
C GLU A 18 6.69 16.87 5.88
N GLN A 19 5.72 15.98 5.76
CA GLN A 19 4.80 16.01 4.62
C GLN A 19 3.79 17.14 4.76
N ARG A 20 3.22 17.26 5.96
CA ARG A 20 2.28 18.32 6.24
C ARG A 20 2.88 19.69 5.97
N LYS A 21 4.13 19.86 6.38
CA LYS A 21 4.83 21.10 6.18
C LYS A 21 4.83 21.40 4.67
N GLU A 22 5.26 20.41 3.88
CA GLU A 22 5.25 20.49 2.42
C GLU A 22 3.84 20.78 1.91
N LEU A 23 2.82 20.24 2.58
CA LEU A 23 1.49 20.61 2.19
C LEU A 23 1.28 22.11 2.33
N PHE A 24 1.83 22.69 3.38
CA PHE A 24 1.56 24.10 3.65
C PHE A 24 2.19 24.94 2.56
N ARG A 25 3.41 24.60 2.16
CA ARG A 25 4.10 25.23 1.04
C ARG A 25 3.21 25.21 -0.22
N ARG A 26 2.60 24.07 -0.51
CA ARG A 26 1.78 23.88 -1.71
C ARG A 26 0.46 24.64 -1.69
N LEU A 27 -0.22 24.60 -0.55
CA LEU A 27 -1.44 25.38 -0.41
C LEU A 27 -1.24 26.90 -0.62
N GLN A 28 -0.15 27.45 -0.11
CA GLN A 28 0.13 28.88 -0.18
C GLN A 28 0.48 29.25 -1.61
N LYS A 29 1.42 28.48 -2.19
CA LYS A 29 1.88 28.64 -3.55
C LYS A 29 0.71 28.68 -4.51
N TRP A 30 -0.28 27.82 -4.27
CA TRP A 30 -1.52 27.77 -5.08
C TRP A 30 -2.67 28.61 -4.58
N GLU A 31 -2.39 29.44 -3.56
CA GLU A 31 -3.31 30.49 -3.10
C GLU A 31 -4.52 29.94 -2.36
N LEU A 32 -4.34 28.77 -1.72
CA LEU A 32 -5.36 28.21 -0.80
C LEU A 32 -5.06 28.58 0.65
N ASN A 33 -6.04 28.39 1.54
CA ASN A 33 -5.92 29.01 2.88
C ASN A 33 -6.10 28.15 4.11
N THR A 34 -6.48 26.89 3.91
CA THR A 34 -6.93 26.05 5.01
C THR A 34 -6.40 24.61 5.04
N TYR A 35 -6.19 24.11 6.26
CA TYR A 35 -5.85 22.70 6.56
C TYR A 35 -6.55 22.21 7.81
N LEU A 36 -7.49 21.29 7.60
CA LEU A 36 -8.17 20.59 8.70
C LEU A 36 -7.53 19.27 9.09
N TYR A 37 -6.93 19.25 10.28
CA TYR A 37 -6.33 18.05 10.87
C TYR A 37 -7.44 17.12 11.40
N ALA A 38 -7.62 15.95 10.79
CA ALA A 38 -8.61 14.95 11.20
C ALA A 38 -8.23 13.47 10.85
N PRO A 39 -6.96 13.06 11.03
CA PRO A 39 -6.58 11.74 10.49
C PRO A 39 -7.14 10.65 11.40
N LYS A 40 -8.03 9.81 10.86
CA LYS A 40 -8.87 8.94 11.70
C LYS A 40 -8.06 7.98 12.60
N ASP A 41 -6.90 7.60 12.11
CA ASP A 41 -6.10 6.66 12.85
C ASP A 41 -4.86 7.27 13.43
N ASP A 42 -4.82 8.60 13.55
CA ASP A 42 -3.80 9.16 14.42
C ASP A 42 -4.36 8.87 15.78
N TYR A 43 -3.47 8.42 16.66
CA TYR A 43 -3.82 7.85 17.96
C TYR A 43 -4.66 8.78 18.82
N LYS A 44 -4.06 9.91 19.16
CA LYS A 44 -4.66 10.87 20.03
C LYS A 44 -5.79 11.66 19.39
N HIS A 45 -6.04 11.49 18.09
CA HIS A 45 -7.13 12.25 17.46
C HIS A 45 -8.49 11.63 17.71
N ARG A 46 -8.50 10.30 17.78
CA ARG A 46 -9.78 9.59 17.81
C ARG A 46 -9.85 8.46 18.83
N MET A 47 -9.04 7.42 18.67
CA MET A 47 -9.20 6.23 19.50
C MET A 47 -8.96 6.58 20.98
N PHE A 48 -7.84 7.25 21.21
CA PHE A 48 -7.44 7.65 22.53
C PHE A 48 -7.27 9.15 22.51
N TRP A 49 -8.41 9.80 22.28
CA TRP A 49 -8.47 11.23 22.21
C TRP A 49 -8.29 11.87 23.57
N ARG A 50 -8.67 11.13 24.61
CA ARG A 50 -8.49 11.56 25.99
C ARG A 50 -7.02 11.88 26.33
N GLU A 51 -6.09 11.07 25.82
CA GLU A 51 -4.65 11.21 26.14
C GLU A 51 -4.01 12.50 25.61
N MET A 52 -3.28 13.17 26.51
CA MET A 52 -2.57 14.42 26.25
C MET A 52 -1.26 14.13 25.54
N TYR A 53 -0.77 15.13 24.82
CA TYR A 53 0.45 14.92 24.05
C TYR A 53 1.67 14.89 24.99
N SER A 54 2.60 14.01 24.71
CA SER A 54 3.86 14.02 25.44
C SER A 54 4.66 15.30 25.17
N VAL A 55 5.82 15.37 25.79
CA VAL A 55 6.67 16.53 25.61
C VAL A 55 7.18 16.56 24.17
N GLU A 56 7.57 15.38 23.64
CA GLU A 56 8.12 15.21 22.29
C GLU A 56 7.07 15.48 21.25
N GLU A 57 5.86 14.98 21.49
CA GLU A 57 4.73 15.23 20.58
C GLU A 57 4.37 16.72 20.62
N ALA A 58 4.36 17.27 21.83
CA ALA A 58 4.13 18.69 22.05
C ALA A 58 5.04 19.55 21.17
N GLU A 59 6.33 19.25 21.22
CA GLU A 59 7.37 19.91 20.43
C GLU A 59 7.03 19.82 18.93
N GLN A 60 6.55 18.65 18.52
CA GLN A 60 6.26 18.35 17.11
C GLN A 60 5.03 19.09 16.58
N LEU A 61 3.97 19.15 17.38
CA LEU A 61 2.78 19.87 16.97
C LEU A 61 2.98 21.37 16.84
N MET A 62 3.53 22.02 17.87
CA MET A 62 3.67 23.48 17.84
C MET A 62 4.63 23.92 16.74
N THR A 63 5.72 23.18 16.52
CA THR A 63 6.57 23.34 15.34
C THR A 63 5.74 23.34 14.05
N LEU A 64 4.75 22.44 13.98
CA LEU A 64 3.87 22.29 12.82
C LEU A 64 2.88 23.43 12.73
N ILE A 65 2.29 23.79 13.86
CA ILE A 65 1.40 24.95 13.90
C ILE A 65 2.11 26.28 13.57
N SER A 66 3.37 26.41 13.99
CA SER A 66 4.15 27.57 13.62
C SER A 66 4.28 27.65 12.11
N ALA A 67 4.74 26.55 11.50
CA ALA A 67 4.81 26.44 10.04
C ALA A 67 3.51 26.84 9.34
N ALA A 68 2.37 26.46 9.91
CA ALA A 68 1.08 26.81 9.35
C ALA A 68 0.94 28.29 9.29
N ARG A 69 1.27 28.96 10.39
CA ARG A 69 1.20 30.43 10.49
C ARG A 69 2.24 31.05 9.54
N GLU A 70 3.44 30.47 9.51
CA GLU A 70 4.49 30.87 8.59
C GLU A 70 4.04 30.89 7.13
N TYR A 71 3.12 30.02 6.73
CA TYR A 71 2.73 29.97 5.32
C TYR A 71 1.34 30.53 5.04
N GLU A 72 0.81 31.30 5.99
CA GLU A 72 -0.56 31.85 5.90
C GLU A 72 -1.61 30.80 5.52
N ILE A 73 -1.46 29.62 6.09
CA ILE A 73 -2.50 28.59 6.11
C ILE A 73 -3.15 28.50 7.52
N GLU A 74 -4.47 28.73 7.57
CA GLU A 74 -5.28 28.53 8.79
C GLU A 74 -5.30 27.06 9.24
N PHE A 75 -4.85 26.81 10.45
CA PHE A 75 -4.74 25.47 10.97
C PHE A 75 -5.95 25.16 11.83
N ILE A 76 -6.70 24.13 11.48
CA ILE A 76 -7.86 23.70 12.30
C ILE A 76 -7.55 22.32 12.84
N TYR A 77 -7.51 22.21 14.18
CA TYR A 77 -7.39 20.95 14.92
C TYR A 77 -8.76 20.36 15.12
N ALA A 78 -8.92 19.12 14.66
CA ALA A 78 -10.16 18.40 14.89
C ALA A 78 -9.95 17.26 15.88
N ILE A 79 -11.06 16.85 16.51
CA ILE A 79 -11.00 15.78 17.49
C ILE A 79 -12.26 14.95 17.36
N SER A 80 -12.09 13.63 17.36
CA SER A 80 -13.20 12.71 17.11
C SER A 80 -13.44 11.83 18.34
N PRO A 81 -14.27 12.29 19.28
CA PRO A 81 -14.46 11.55 20.52
C PRO A 81 -15.75 10.70 20.58
N GLY A 82 -16.58 10.82 19.54
CA GLY A 82 -17.92 10.24 19.52
C GLY A 82 -17.98 8.74 19.78
N LEU A 83 -16.85 8.02 19.63
CA LEU A 83 -16.82 6.57 19.70
C LEU A 83 -17.30 5.97 21.04
N ASP A 84 -16.83 6.52 22.15
CA ASP A 84 -17.09 5.94 23.48
C ASP A 84 -17.19 7.01 24.56
N ILE A 85 -17.24 8.26 24.13
CA ILE A 85 -17.54 9.34 25.06
C ILE A 85 -18.91 9.12 25.70
N THR A 86 -19.05 9.52 26.96
CA THR A 86 -20.35 9.68 27.62
C THR A 86 -20.58 11.16 27.72
N PHE A 87 -21.72 11.59 27.21
CA PHE A 87 -22.03 13.00 27.07
C PHE A 87 -22.21 13.71 28.39
N SER A 88 -23.01 13.10 29.27
CA SER A 88 -23.40 13.70 30.54
C SER A 88 -22.25 13.86 31.54
N ASN A 89 -21.27 12.94 31.49
CA ASN A 89 -20.11 12.89 32.42
C ASN A 89 -19.21 14.14 32.35
N PRO A 90 -19.13 14.91 33.46
CA PRO A 90 -18.24 16.06 33.54
C PRO A 90 -16.76 15.76 33.40
N LYS A 91 -16.31 14.58 33.87
CA LYS A 91 -14.90 14.17 33.75
C LYS A 91 -14.50 14.09 32.27
N GLU A 92 -15.39 13.52 31.45
CA GLU A 92 -15.25 13.47 29.99
C GLU A 92 -15.13 14.89 29.39
N VAL A 93 -16.05 15.78 29.79
CA VAL A 93 -16.08 17.15 29.30
C VAL A 93 -14.81 17.94 29.66
N SER A 94 -14.35 17.81 30.90
CA SER A 94 -13.08 18.43 31.29
C SER A 94 -11.97 17.86 30.46
N THR A 95 -11.99 16.54 30.26
CA THR A 95 -11.00 15.87 29.42
C THR A 95 -10.97 16.44 27.98
N LEU A 96 -12.15 16.72 27.43
CA LEU A 96 -12.28 17.38 26.15
C LEU A 96 -11.68 18.79 26.17
N LYS A 97 -12.16 19.65 27.09
CA LYS A 97 -11.63 21.01 27.28
C LYS A 97 -10.12 21.01 27.51
N ARG A 98 -9.66 20.08 28.35
CA ARG A 98 -8.24 20.03 28.72
C ARG A 98 -7.41 19.63 27.54
N LYS A 99 -7.96 18.75 26.69
CA LYS A 99 -7.27 18.34 25.45
C LYS A 99 -7.12 19.53 24.53
N LEU A 100 -8.20 20.30 24.41
CA LEU A 100 -8.26 21.48 23.55
C LEU A 100 -7.25 22.53 23.98
N ASP A 101 -7.32 22.92 25.26
CA ASP A 101 -6.40 23.94 25.81
C ASP A 101 -4.96 23.57 25.54
N GLN A 102 -4.64 22.29 25.60
CA GLN A 102 -3.26 21.84 25.43
C GLN A 102 -2.73 22.23 24.04
N VAL A 103 -3.65 22.28 23.08
CA VAL A 103 -3.35 22.60 21.69
C VAL A 103 -3.41 24.12 21.43
N SER A 104 -4.33 24.85 22.07
CA SER A 104 -4.24 26.32 22.17
C SER A 104 -2.83 26.85 22.46
N GLN A 105 -2.19 26.31 23.48
CA GLN A 105 -0.88 26.78 23.90
C GLN A 105 0.22 26.31 22.95
N PHE A 106 -0.15 25.42 22.02
CA PHE A 106 0.71 25.01 20.89
C PHE A 106 0.63 26.05 19.78
N GLY A 107 -0.28 27.01 19.95
CA GLY A 107 -0.44 28.07 18.99
C GLY A 107 -1.68 27.97 18.12
N CYS A 108 -2.69 27.23 18.59
CA CYS A 108 -3.87 26.93 17.79
C CYS A 108 -5.01 27.86 18.13
N ARG A 109 -5.85 28.18 17.16
CA ARG A 109 -6.96 29.14 17.32
C ARG A 109 -8.24 28.65 16.67
N SER A 110 -8.11 27.62 15.83
CA SER A 110 -9.27 27.06 15.15
C SER A 110 -9.46 25.57 15.47
N PHE A 111 -10.72 25.19 15.70
CA PHE A 111 -11.05 23.83 16.15
C PHE A 111 -12.26 23.18 15.47
N ALA A 112 -12.26 21.84 15.52
CA ALA A 112 -13.37 21.04 15.04
C ALA A 112 -13.68 19.83 15.92
N LEU A 113 -14.98 19.61 16.13
CA LEU A 113 -15.48 18.38 16.69
C LEU A 113 -16.19 17.60 15.62
N LEU A 114 -15.73 16.37 15.41
CA LEU A 114 -16.29 15.50 14.37
C LEU A 114 -16.99 14.29 14.95
N PHE A 115 -18.22 14.08 14.50
CA PHE A 115 -19.04 12.96 14.99
C PHE A 115 -19.48 12.01 13.90
N ASP A 116 -18.69 11.90 12.84
CA ASP A 116 -19.03 11.05 11.70
C ASP A 116 -18.77 9.64 12.11
N ASN A 117 -19.58 8.72 11.58
CA ASN A 117 -19.29 7.29 11.69
C ASN A 117 -19.26 6.81 13.11
N ILE A 118 -20.41 6.95 13.77
CA ILE A 118 -20.68 6.49 15.15
C ILE A 118 -22.15 6.04 15.30
N ASP A 119 -22.37 5.05 16.17
CA ASP A 119 -23.69 4.50 16.51
C ASP A 119 -24.74 5.61 16.89
N HIS A 120 -25.97 5.51 16.37
CA HIS A 120 -27.04 6.52 16.54
C HIS A 120 -27.65 6.73 17.94
N ASN A 121 -27.58 5.73 18.80
CA ASN A 121 -28.12 5.90 20.15
C ASN A 121 -27.01 6.03 21.19
N MET A 122 -27.37 6.37 22.42
CA MET A 122 -26.39 6.63 23.49
C MET A 122 -26.48 5.60 24.60
N CYS A 123 -25.64 5.80 25.62
CA CYS A 123 -25.73 5.04 26.87
C CYS A 123 -26.91 5.57 27.65
N ALA A 124 -27.47 4.73 28.52
CA ALA A 124 -28.66 5.05 29.32
C ALA A 124 -28.52 6.39 30.06
N ALA A 125 -27.34 6.59 30.69
CA ALA A 125 -26.94 7.86 31.32
C ALA A 125 -26.99 9.10 30.41
N ASP A 126 -26.96 8.91 29.09
CA ASP A 126 -27.15 10.03 28.18
C ASP A 126 -28.62 10.13 27.71
N LYS A 127 -29.33 8.98 27.67
CA LYS A 127 -30.73 8.89 27.15
C LYS A 127 -31.74 9.81 27.81
N GLU A 128 -31.53 10.12 29.08
CA GLU A 128 -32.45 10.99 29.82
C GLU A 128 -32.07 12.47 29.77
N VAL A 129 -30.77 12.77 29.99
CA VAL A 129 -30.23 14.16 30.02
C VAL A 129 -30.62 14.97 28.79
N PHE A 130 -30.55 14.33 27.61
CA PHE A 130 -30.78 15.00 26.34
C PHE A 130 -31.92 14.21 25.69
N SER A 131 -32.87 14.88 25.05
CA SER A 131 -34.02 14.17 24.45
C SER A 131 -33.65 13.30 23.24
N SER A 132 -32.76 13.81 22.39
CA SER A 132 -32.31 13.09 21.18
C SER A 132 -30.79 13.13 21.03
N PHE A 133 -30.29 12.23 20.16
CA PHE A 133 -28.88 12.17 19.81
C PHE A 133 -28.30 13.49 19.33
N ALA A 134 -29.06 14.15 18.45
CA ALA A 134 -28.71 15.46 17.93
C ALA A 134 -28.50 16.48 19.06
N HIS A 135 -29.56 16.73 19.85
CA HIS A 135 -29.54 17.66 21.03
C HIS A 135 -28.26 17.53 21.84
N ALA A 136 -27.80 16.29 21.93
CA ALA A 136 -26.71 15.89 22.77
C ALA A 136 -25.31 16.23 22.25
N GLN A 137 -25.11 16.11 20.94
CA GLN A 137 -23.85 16.55 20.33
C GLN A 137 -23.80 18.06 20.30
N VAL A 138 -24.94 18.65 19.95
CA VAL A 138 -25.10 20.11 19.86
C VAL A 138 -24.65 20.76 21.16
N SER A 139 -25.21 20.27 22.28
CA SER A 139 -24.92 20.79 23.61
C SER A 139 -23.43 20.86 23.88
N ILE A 140 -22.77 19.72 23.73
CA ILE A 140 -21.34 19.62 24.04
C ILE A 140 -20.47 20.45 23.06
N THR A 141 -20.93 20.59 21.82
CA THR A 141 -20.22 21.40 20.83
C THR A 141 -20.31 22.87 21.20
N ASN A 142 -21.53 23.35 21.45
CA ASN A 142 -21.74 24.75 21.84
C ASN A 142 -20.87 25.10 23.05
N GLU A 143 -20.97 24.26 24.08
CA GLU A 143 -20.23 24.50 25.31
C GLU A 143 -18.73 24.65 25.07
N ILE A 144 -18.18 23.78 24.24
CA ILE A 144 -16.79 23.84 23.89
C ILE A 144 -16.44 25.12 23.12
N TYR A 145 -17.34 25.55 22.23
CA TYR A 145 -17.19 26.78 21.48
C TYR A 145 -16.95 27.93 22.46
N GLN A 146 -17.90 28.15 23.37
CA GLN A 146 -17.82 29.24 24.35
C GLN A 146 -16.66 29.08 25.29
N TYR A 147 -16.42 27.85 25.74
CA TYR A 147 -15.27 27.61 26.60
C TYR A 147 -13.93 28.17 26.10
N LEU A 148 -13.70 28.10 24.79
CA LEU A 148 -12.46 28.68 24.21
C LEU A 148 -12.66 30.10 23.69
N GLY A 149 -13.81 30.69 24.01
CA GLY A 149 -14.08 32.09 23.72
C GLY A 149 -14.58 32.32 22.31
N GLU A 150 -15.43 31.42 21.84
CA GLU A 150 -16.09 31.51 20.54
C GLU A 150 -15.08 31.85 19.44
N PRO A 151 -14.16 30.91 19.09
CA PRO A 151 -13.03 31.27 18.20
C PRO A 151 -13.47 31.53 16.75
N GLU A 152 -12.59 32.16 15.98
CA GLU A 152 -12.95 32.61 14.64
C GLU A 152 -13.46 31.45 13.77
N THR A 153 -12.68 30.36 13.66
CA THR A 153 -13.17 29.16 12.99
C THR A 153 -13.42 27.98 13.94
N PHE A 154 -14.64 27.46 13.84
CA PHE A 154 -15.03 26.31 14.61
C PHE A 154 -16.00 25.41 13.84
N LEU A 155 -15.56 24.16 13.64
CA LEU A 155 -16.29 23.23 12.76
C LEU A 155 -16.88 22.03 13.45
N PHE A 156 -18.06 21.67 12.99
CA PHE A 156 -18.76 20.58 13.56
C PHE A 156 -19.19 19.63 12.43
N CYS A 157 -18.76 18.39 12.50
CA CYS A 157 -19.18 17.42 11.52
C CYS A 157 -20.34 16.52 12.02
N PRO A 158 -21.55 16.68 11.44
CA PRO A 158 -22.72 15.95 11.92
C PRO A 158 -22.75 14.49 11.52
N THR A 159 -23.59 13.70 12.19
CA THR A 159 -23.63 12.26 12.00
C THR A 159 -24.37 11.95 10.73
N GLU A 160 -25.41 12.72 10.46
CA GLU A 160 -26.03 12.66 9.18
C GLU A 160 -25.32 13.71 8.30
N TYR A 161 -24.09 13.38 7.84
CA TYR A 161 -23.23 14.29 7.05
C TYR A 161 -23.34 14.16 5.52
N CYS A 162 -24.30 13.39 5.01
CA CYS A 162 -24.53 13.38 3.55
C CYS A 162 -25.93 12.90 3.16
N GLY A 163 -26.38 13.28 1.96
CA GLY A 163 -27.74 13.00 1.47
C GLY A 163 -28.28 11.65 1.87
N THR A 164 -27.50 10.63 1.56
CA THR A 164 -27.81 9.23 1.85
C THR A 164 -27.89 8.90 3.35
N PHE A 165 -27.18 9.65 4.19
CA PHE A 165 -27.07 9.37 5.64
C PHE A 165 -28.24 9.90 6.49
N CYS A 166 -29.14 10.65 5.86
CA CYS A 166 -30.25 11.32 6.52
C CYS A 166 -31.56 10.53 6.56
N TYR A 167 -32.28 10.62 7.69
CA TYR A 167 -33.40 9.73 8.01
C TYR A 167 -34.72 10.50 8.11
N PRO A 168 -35.71 10.14 7.27
CA PRO A 168 -35.57 9.14 6.19
C PRO A 168 -35.01 9.74 4.89
N ASN A 169 -34.92 11.07 4.90
CA ASN A 169 -34.31 11.88 3.85
C ASN A 169 -33.76 13.15 4.50
N VAL A 170 -33.06 13.95 3.70
CA VAL A 170 -32.37 15.14 4.18
C VAL A 170 -33.36 16.22 4.62
N SER A 171 -34.27 16.54 3.73
CA SER A 171 -35.15 17.69 3.88
C SER A 171 -36.15 17.59 5.02
N GLN A 172 -36.28 16.41 5.63
CA GLN A 172 -37.30 16.17 6.65
C GLN A 172 -36.72 15.30 7.78
N SER A 173 -35.44 15.54 8.09
CA SER A 173 -34.72 14.74 9.07
C SER A 173 -34.76 15.41 10.42
N PRO A 174 -35.40 14.74 11.41
CA PRO A 174 -35.30 15.12 12.81
C PRO A 174 -33.90 15.57 13.22
N TYR A 175 -32.90 14.73 13.00
CA TYR A 175 -31.54 15.03 13.46
C TYR A 175 -31.04 16.39 12.91
N LEU A 176 -31.35 16.66 11.64
CA LEU A 176 -30.89 17.87 11.02
C LEU A 176 -31.55 19.15 11.52
N ARG A 177 -32.85 19.09 11.85
CA ARG A 177 -33.57 20.25 12.45
C ARG A 177 -32.89 20.72 13.69
N THR A 178 -32.61 19.77 14.57
CA THR A 178 -31.99 20.03 15.87
C THR A 178 -30.62 20.63 15.73
N VAL A 179 -29.86 20.22 14.71
CA VAL A 179 -28.56 20.84 14.45
C VAL A 179 -28.78 22.28 13.96
N GLY A 180 -29.61 22.43 12.94
CA GLY A 180 -29.88 23.71 12.34
C GLY A 180 -30.20 24.79 13.33
N GLU A 181 -31.07 24.44 14.28
CA GLU A 181 -31.65 25.41 15.20
C GLU A 181 -30.88 25.56 16.50
N LYS A 182 -30.46 24.46 17.08
CA LYS A 182 -29.81 24.52 18.38
C LYS A 182 -28.29 24.80 18.36
N LEU A 183 -27.69 24.62 17.18
CA LEU A 183 -26.25 24.87 17.07
C LEU A 183 -26.03 26.35 16.80
N LEU A 184 -25.05 26.88 17.52
CA LEU A 184 -24.84 28.32 17.62
C LEU A 184 -24.57 28.93 16.27
N PRO A 185 -25.33 30.01 15.92
CA PRO A 185 -25.34 30.57 14.56
C PRO A 185 -23.96 30.86 13.93
N GLY A 186 -22.90 30.88 14.75
CA GLY A 186 -21.55 31.19 14.29
C GLY A 186 -20.63 29.99 14.18
N ILE A 187 -21.16 28.78 14.38
CA ILE A 187 -20.38 27.54 14.18
C ILE A 187 -20.74 26.99 12.80
N GLU A 188 -19.77 26.32 12.16
CA GLU A 188 -19.96 25.81 10.79
C GLU A 188 -20.19 24.31 10.73
N VAL A 189 -20.97 23.90 9.72
CA VAL A 189 -21.34 22.50 9.49
C VAL A 189 -20.64 21.91 8.24
N LEU A 190 -20.02 20.74 8.43
CA LEU A 190 -19.36 19.94 7.37
C LEU A 190 -20.33 18.99 6.63
N TRP A 191 -20.17 18.85 5.32
CA TRP A 191 -21.15 18.12 4.46
C TRP A 191 -20.41 17.51 3.25
N THR A 192 -20.62 16.22 2.99
CA THR A 192 -19.90 15.58 1.84
C THR A 192 -20.66 15.56 0.51
N GLY A 193 -21.91 16.02 0.54
CA GLY A 193 -22.78 16.04 -0.66
C GLY A 193 -23.96 15.06 -0.61
N PRO A 194 -24.42 14.57 -1.78
CA PRO A 194 -25.50 13.58 -1.81
C PRO A 194 -25.10 12.25 -1.22
N LYS A 195 -23.82 11.94 -1.26
CA LYS A 195 -23.32 10.66 -0.79
C LYS A 195 -21.97 10.93 -0.18
N VAL A 196 -21.35 9.87 0.33
CA VAL A 196 -20.07 9.97 1.00
C VAL A 196 -18.98 10.34 -0.01
N VAL A 197 -19.01 9.70 -1.19
CA VAL A 197 -18.18 10.11 -2.31
C VAL A 197 -19.13 10.62 -3.36
N SER A 198 -19.28 11.93 -3.45
CA SER A 198 -20.29 12.50 -4.28
C SER A 198 -19.78 12.60 -5.70
N LYS A 199 -20.51 11.98 -6.64
CA LYS A 199 -20.12 12.05 -8.04
C LYS A 199 -20.35 13.47 -8.52
N GLU A 200 -21.49 14.01 -8.14
CA GLU A 200 -21.81 15.42 -8.34
C GLU A 200 -22.27 16.01 -7.03
N ILE A 201 -22.01 17.30 -6.84
CA ILE A 201 -22.70 18.07 -5.78
C ILE A 201 -23.62 19.11 -6.45
N PRO A 202 -24.84 18.68 -6.84
CA PRO A 202 -25.66 19.65 -7.58
C PRO A 202 -26.13 20.81 -6.67
N VAL A 203 -26.39 21.97 -7.28
CA VAL A 203 -26.75 23.21 -6.59
C VAL A 203 -28.00 23.03 -5.73
N GLU A 204 -29.05 22.47 -6.33
CA GLU A 204 -30.33 22.19 -5.64
C GLU A 204 -30.18 21.39 -4.33
N SER A 205 -29.22 20.47 -4.26
CA SER A 205 -29.04 19.67 -3.06
C SER A 205 -28.49 20.56 -1.96
N ILE A 206 -27.64 21.53 -2.32
CA ILE A 206 -27.08 22.46 -1.33
C ILE A 206 -28.15 23.37 -0.72
N GLU A 207 -29.05 23.87 -1.55
CA GLU A 207 -30.26 24.56 -1.09
C GLU A 207 -31.11 23.70 -0.17
N GLU A 208 -31.36 22.46 -0.59
CA GLU A 208 -32.12 21.52 0.21
C GLU A 208 -31.48 21.28 1.59
N VAL A 209 -30.16 21.29 1.68
CA VAL A 209 -29.50 21.03 2.97
C VAL A 209 -29.35 22.30 3.81
N SER A 210 -29.17 23.45 3.16
CA SER A 210 -28.88 24.71 3.86
C SER A 210 -30.13 25.20 4.56
N LYS A 211 -31.28 25.00 3.92
CA LYS A 211 -32.58 25.32 4.50
C LYS A 211 -32.74 24.63 5.85
N ILE A 212 -32.55 23.32 5.86
CA ILE A 212 -32.83 22.45 7.00
C ILE A 212 -31.80 22.61 8.11
N ILE A 213 -30.60 23.06 7.78
CA ILE A 213 -29.55 23.34 8.81
C ILE A 213 -29.30 24.84 9.00
N LYS A 214 -30.12 25.61 8.30
CA LYS A 214 -30.18 27.08 8.42
C LYS A 214 -28.93 27.88 8.04
N ARG A 215 -27.89 27.20 7.57
CA ARG A 215 -26.66 27.86 7.12
C ARG A 215 -26.02 27.17 5.91
N ALA A 216 -25.11 27.89 5.26
CA ALA A 216 -24.28 27.34 4.17
C ALA A 216 -23.22 26.41 4.78
N PRO A 217 -23.06 25.22 4.18
CA PRO A 217 -22.17 24.22 4.76
C PRO A 217 -20.76 24.27 4.21
N VAL A 218 -19.80 23.80 5.00
CA VAL A 218 -18.48 23.50 4.46
C VAL A 218 -18.47 22.10 3.90
N ILE A 219 -18.12 21.98 2.62
CA ILE A 219 -17.90 20.69 1.98
C ILE A 219 -16.64 19.98 2.48
N TRP A 220 -16.83 18.78 3.00
CA TRP A 220 -15.74 17.82 3.18
C TRP A 220 -15.84 16.96 1.90
N ASP A 221 -14.94 17.18 0.95
CA ASP A 221 -15.03 16.50 -0.36
C ASP A 221 -14.23 15.20 -0.41
N ASN A 222 -14.91 14.08 -0.65
CA ASN A 222 -14.24 12.78 -0.73
C ASN A 222 -13.94 12.29 -2.14
N ILE A 223 -14.19 13.16 -3.12
CA ILE A 223 -13.88 12.90 -4.51
C ILE A 223 -12.55 12.17 -4.72
N HIS A 224 -11.50 12.59 -4.01
CA HIS A 224 -10.17 11.98 -4.27
C HIS A 224 -9.70 11.04 -3.16
N ALA A 225 -10.57 10.69 -2.24
CA ALA A 225 -10.22 9.80 -1.15
C ALA A 225 -10.03 8.39 -1.67
N ASN A 226 -8.97 7.70 -1.25
CA ASN A 226 -8.65 6.38 -1.79
C ASN A 226 -8.38 5.33 -0.73
N ASP A 227 -8.68 5.68 0.52
CA ASP A 227 -8.47 4.80 1.68
C ASP A 227 -9.31 3.50 1.71
N TYR A 228 -10.37 3.49 0.90
CA TYR A 228 -11.38 2.44 0.97
C TYR A 228 -11.18 1.29 -0.01
N ASP A 229 -10.06 1.28 -0.74
CA ASP A 229 -9.73 0.27 -1.74
C ASP A 229 -8.24 0.30 -1.97
N GLN A 230 -7.60 -0.84 -1.74
CA GLN A 230 -6.16 -0.97 -1.91
C GLN A 230 -5.70 -0.62 -3.33
N LYS A 231 -6.50 -0.96 -4.32
CA LYS A 231 -6.10 -0.92 -5.70
C LYS A 231 -6.35 0.44 -6.33
N ARG A 232 -6.90 1.38 -5.57
CA ARG A 232 -7.46 2.62 -6.15
C ARG A 232 -6.70 3.89 -5.79
N LEU A 233 -6.44 4.69 -6.81
CA LEU A 233 -5.77 5.97 -6.71
C LEU A 233 -6.44 6.95 -7.66
N PHE A 234 -6.55 8.22 -7.23
CA PHE A 234 -7.26 9.22 -8.00
C PHE A 234 -6.41 10.42 -8.29
N LEU A 235 -5.88 10.44 -9.51
CA LEU A 235 -5.06 11.52 -10.02
C LEU A 235 -5.78 12.40 -11.04
N GLY A 236 -7.11 12.28 -11.11
CA GLY A 236 -7.89 13.02 -12.10
C GLY A 236 -8.26 14.41 -11.56
N PRO A 237 -8.82 15.25 -12.44
CA PRO A 237 -9.15 16.64 -12.05
C PRO A 237 -10.33 16.67 -11.10
N TYR A 238 -10.37 17.71 -10.28
CA TYR A 238 -11.55 18.06 -9.51
C TYR A 238 -12.77 18.16 -10.45
N LYS A 239 -13.82 17.39 -10.23
CA LYS A 239 -14.95 17.33 -11.19
C LYS A 239 -16.30 17.13 -10.48
N GLY A 240 -17.40 17.57 -11.10
CA GLY A 240 -18.76 17.31 -10.58
C GLY A 240 -19.32 18.35 -9.62
N ARG A 241 -18.60 19.44 -9.48
CA ARG A 241 -18.98 20.50 -8.56
C ARG A 241 -18.97 21.80 -9.33
N SER A 242 -20.15 22.37 -9.56
CA SER A 242 -20.30 23.60 -10.39
C SER A 242 -19.68 24.80 -9.69
N THR A 243 -19.12 25.74 -10.44
CA THR A 243 -18.53 26.96 -9.81
C THR A 243 -19.60 27.81 -9.10
N GLU A 244 -20.85 27.50 -9.41
CA GLU A 244 -22.00 28.20 -8.86
C GLU A 244 -22.30 27.74 -7.47
N LEU A 245 -21.53 26.78 -6.98
CA LEU A 245 -21.65 26.30 -5.63
C LEU A 245 -20.93 27.23 -4.66
N ILE A 246 -19.92 27.91 -5.18
CA ILE A 246 -19.12 28.85 -4.37
C ILE A 246 -19.91 29.90 -3.60
N PRO A 247 -20.72 30.77 -4.27
CA PRO A 247 -21.66 31.66 -3.52
C PRO A 247 -22.50 30.98 -2.42
N ARG A 248 -22.76 29.68 -2.55
CA ARG A 248 -23.67 28.93 -1.66
C ARG A 248 -22.99 28.08 -0.57
N LEU A 249 -21.69 28.25 -0.34
CA LEU A 249 -20.95 27.41 0.62
C LEU A 249 -19.95 28.24 1.41
N LYS A 250 -19.65 27.86 2.65
CA LYS A 250 -18.60 28.61 3.42
C LYS A 250 -17.19 28.11 3.08
N GLY A 251 -17.11 26.91 2.49
CA GLY A 251 -15.84 26.30 2.10
C GLY A 251 -15.88 24.93 1.39
N VAL A 252 -14.72 24.54 0.84
CA VAL A 252 -14.46 23.19 0.34
C VAL A 252 -13.10 22.75 0.86
N LEU A 253 -13.09 21.65 1.62
CA LEU A 253 -11.89 20.97 2.03
C LEU A 253 -11.88 19.57 1.43
N THR A 254 -10.83 19.23 0.66
CA THR A 254 -10.78 17.93 0.00
C THR A 254 -10.02 16.93 0.81
N ASN A 255 -10.60 15.73 0.89
CA ASN A 255 -10.05 14.57 1.59
C ASN A 255 -9.43 13.70 0.51
N PRO A 256 -8.11 13.75 0.38
CA PRO A 256 -7.47 13.28 -0.85
C PRO A 256 -6.72 11.95 -0.62
N ASN A 257 -5.88 11.51 -1.56
CA ASN A 257 -5.31 10.17 -1.49
C ASN A 257 -4.48 10.01 -0.24
N CYS A 258 -4.33 8.79 0.26
CA CYS A 258 -3.50 8.51 1.44
C CYS A 258 -2.02 8.78 1.17
N GLU A 259 -1.59 8.55 -0.05
CA GLU A 259 -0.22 8.64 -0.42
C GLU A 259 0.01 10.10 -0.76
N PHE A 260 0.72 10.79 0.12
CA PHE A 260 0.93 12.23 0.01
C PHE A 260 1.24 12.71 -1.42
N GLU A 261 2.35 12.26 -1.98
CA GLU A 261 2.79 12.75 -3.27
C GLU A 261 1.77 12.66 -4.41
N ALA A 262 0.81 11.75 -4.29
CA ALA A 262 -0.20 11.55 -5.33
C ALA A 262 -1.23 12.69 -5.46
N ASN A 263 -1.24 13.60 -4.50
CA ASN A 263 -2.29 14.60 -4.48
C ASN A 263 -1.99 15.91 -5.18
N TYR A 264 -1.04 15.88 -6.09
CA TYR A 264 -0.67 17.09 -6.79
C TYR A 264 -1.82 17.61 -7.66
N VAL A 265 -2.29 16.77 -8.58
CA VAL A 265 -3.49 17.08 -9.35
C VAL A 265 -4.70 17.39 -8.43
N ALA A 266 -4.92 16.54 -7.43
CA ALA A 266 -6.15 16.63 -6.65
C ALA A 266 -6.27 18.02 -5.98
N ILE A 267 -5.13 18.58 -5.58
CA ILE A 267 -5.09 19.86 -4.86
C ILE A 267 -4.92 21.04 -5.81
N HIS A 268 -4.04 20.90 -6.81
CA HIS A 268 -3.79 21.95 -7.78
C HIS A 268 -5.10 22.30 -8.47
N THR A 269 -5.88 21.29 -8.85
CA THR A 269 -7.06 21.53 -9.65
C THR A 269 -8.19 22.07 -8.79
N LEU A 270 -8.20 21.71 -7.51
CA LEU A 270 -9.16 22.34 -6.61
C LEU A 270 -8.88 23.83 -6.52
N ALA A 271 -7.60 24.18 -6.41
CA ALA A 271 -7.17 25.58 -6.41
C ALA A 271 -7.63 26.25 -7.68
N THR A 272 -7.25 25.68 -8.82
CA THR A 272 -7.66 26.21 -10.11
C THR A 272 -9.15 26.51 -10.11
N TRP A 273 -9.92 25.54 -9.64
CA TRP A 273 -11.36 25.66 -9.59
C TRP A 273 -11.75 26.85 -8.70
N TYR A 274 -11.09 26.97 -7.55
CA TYR A 274 -11.41 28.02 -6.62
C TYR A 274 -11.23 29.43 -7.21
N LYS A 275 -10.42 29.59 -8.27
CA LYS A 275 -10.11 30.89 -8.92
C LYS A 275 -10.89 31.37 -10.18
N TYR A 316 -14.54 27.18 -15.53
CA TYR A 316 -13.76 26.01 -15.10
C TYR A 316 -13.93 24.74 -15.92
N SER A 317 -12.82 24.24 -16.49
CA SER A 317 -12.82 23.04 -17.30
C SER A 317 -11.99 21.95 -16.65
N PRO A 318 -12.64 20.82 -16.35
CA PRO A 318 -11.83 19.76 -15.75
C PRO A 318 -10.61 19.32 -16.60
N GLN A 319 -10.76 19.19 -17.93
CA GLN A 319 -9.60 18.80 -18.74
C GLN A 319 -8.54 19.91 -18.90
N MET A 320 -8.97 21.16 -19.02
CA MET A 320 -8.00 22.26 -18.98
C MET A 320 -7.21 22.33 -17.67
N ALA A 321 -7.90 22.02 -16.56
CA ALA A 321 -7.25 22.12 -15.27
C ALA A 321 -6.29 20.94 -15.06
N LEU A 322 -6.68 19.73 -15.47
CA LEU A 322 -5.74 18.59 -15.51
C LEU A 322 -4.46 18.91 -16.30
N LYS A 323 -4.61 19.44 -17.52
CA LYS A 323 -3.44 19.78 -18.31
C LYS A 323 -2.49 20.76 -17.60
N LEU A 324 -3.02 21.84 -17.00
CA LEU A 324 -2.22 22.77 -16.19
C LEU A 324 -1.52 22.06 -15.03
N ALA A 325 -2.24 21.15 -14.37
CA ALA A 325 -1.68 20.49 -13.21
C ALA A 325 -0.58 19.48 -13.61
N LEU A 326 -0.86 18.63 -14.60
CA LEU A 326 0.14 17.67 -15.13
C LEU A 326 1.38 18.38 -15.66
N THR A 327 1.17 19.48 -16.37
CA THR A 327 2.25 20.28 -16.87
C THR A 327 3.16 20.79 -15.76
N GLU A 328 2.59 21.22 -14.64
CA GLU A 328 3.43 21.80 -13.60
C GLU A 328 4.10 20.71 -12.79
N TRP A 329 3.46 19.55 -12.76
CA TRP A 329 3.91 18.42 -11.98
C TRP A 329 5.17 17.83 -12.61
N LEU A 330 5.19 17.78 -13.94
CA LEU A 330 6.30 17.23 -14.72
C LEU A 330 7.67 17.74 -14.27
N GLN A 331 7.71 18.99 -13.88
CA GLN A 331 8.93 19.57 -13.39
C GLN A 331 9.46 18.91 -12.09
N GLU A 332 8.58 18.33 -11.27
CA GLU A 332 8.98 17.69 -10.03
C GLU A 332 9.67 16.38 -10.24
N PHE A 333 9.57 15.87 -11.45
CA PHE A 333 10.19 14.61 -11.83
C PHE A 333 11.43 15.00 -12.58
N GLY A 334 12.60 14.62 -12.06
CA GLY A 334 13.83 14.81 -12.82
C GLY A 334 14.51 13.49 -13.09
N VAL A 335 15.59 13.52 -13.88
CA VAL A 335 16.62 12.46 -13.83
C VAL A 335 17.52 12.79 -12.63
N PRO A 336 18.11 11.77 -11.96
CA PRO A 336 19.09 12.17 -10.93
C PRO A 336 20.38 12.63 -11.57
N HIS A 337 21.08 13.54 -10.90
CA HIS A 337 22.42 14.01 -11.29
C HIS A 337 23.45 12.85 -11.40
N GLN A 338 24.28 12.85 -12.44
CA GLN A 338 25.19 11.73 -12.75
C GLN A 338 26.58 12.25 -13.10
N TYR A 339 27.58 11.61 -12.51
CA TYR A 339 28.99 12.01 -12.71
C TYR A 339 29.76 10.87 -13.36
N SER A 340 29.01 9.94 -13.98
CA SER A 340 29.57 8.79 -14.67
C SER A 340 28.58 8.42 -15.77
N VAL A 353 11.01 10.94 -18.12
CA VAL A 353 9.57 10.87 -17.88
C VAL A 353 8.90 12.06 -18.54
N THR A 354 7.91 11.79 -19.37
CA THR A 354 7.33 12.84 -20.17
C THR A 354 5.88 13.19 -19.82
N LEU A 355 5.41 14.33 -20.30
CA LEU A 355 4.03 14.73 -20.13
C LEU A 355 3.03 13.70 -20.64
N GLU A 356 3.33 13.02 -21.74
CA GLU A 356 2.38 12.02 -22.24
C GLU A 356 2.36 10.82 -21.29
N ASP A 357 3.49 10.56 -20.62
CA ASP A 357 3.52 9.54 -19.54
C ASP A 357 2.62 9.92 -18.36
N LEU A 358 2.74 11.16 -17.85
CA LEU A 358 1.78 11.64 -16.84
C LEU A 358 0.31 11.59 -17.31
N GLN A 359 0.04 11.97 -18.56
CA GLN A 359 -1.34 11.94 -19.03
C GLN A 359 -1.88 10.55 -19.01
N LEU A 360 -1.04 9.59 -19.41
CA LEU A 360 -1.37 8.16 -19.35
C LEU A 360 -1.62 7.66 -17.89
N LEU A 361 -0.74 8.06 -16.98
CA LEU A 361 -0.85 7.66 -15.60
C LEU A 361 -2.17 8.11 -14.99
N ALA A 362 -2.50 9.39 -15.23
CA ALA A 362 -3.74 9.96 -14.70
C ALA A 362 -4.96 9.28 -15.29
N ASP A 363 -4.92 8.92 -16.58
CA ASP A 363 -6.10 8.29 -17.22
C ASP A 363 -6.37 6.92 -16.64
N LEU A 364 -5.33 6.30 -16.08
CA LEU A 364 -5.43 4.94 -15.60
C LEU A 364 -5.91 4.96 -14.16
N PHE A 365 -5.54 5.99 -13.39
CA PHE A 365 -6.02 6.20 -12.02
C PHE A 365 -6.59 7.58 -11.98
N TYR A 366 -7.87 7.67 -12.30
CA TYR A 366 -8.48 8.95 -12.66
C TYR A 366 -9.42 9.43 -11.55
N LEU A 367 -10.69 9.02 -11.60
CA LEU A 367 -11.70 9.38 -10.62
C LEU A 367 -12.56 8.18 -10.21
N PRO A 368 -13.23 8.27 -9.05
CA PRO A 368 -14.02 7.14 -8.58
C PRO A 368 -15.12 6.63 -9.51
N TYR A 369 -15.65 7.49 -10.38
CA TYR A 369 -16.83 7.14 -11.17
C TYR A 369 -16.50 7.11 -12.63
N GLU A 370 -15.22 7.33 -12.94
CA GLU A 370 -14.87 7.61 -14.32
C GLU A 370 -13.40 7.29 -14.59
N HIS A 371 -13.17 6.56 -15.67
CA HIS A 371 -11.81 6.38 -16.17
C HIS A 371 -11.42 7.52 -17.07
N GLY A 372 -10.11 7.72 -17.24
CA GLY A 372 -9.57 8.76 -18.16
C GLY A 372 -9.63 8.30 -19.60
N PRO A 373 -9.63 9.26 -20.57
CA PRO A 373 -9.81 8.90 -21.99
C PRO A 373 -8.95 7.70 -22.43
N LYS A 374 -7.62 7.74 -22.22
CA LYS A 374 -6.77 6.64 -22.66
C LYS A 374 -7.12 5.30 -21.99
N GLY A 375 -7.54 5.35 -20.73
CA GLY A 375 -7.85 4.14 -19.98
C GLY A 375 -9.08 3.47 -20.52
N ALA A 376 -10.16 4.25 -20.66
CA ALA A 376 -11.40 3.79 -21.29
C ALA A 376 -11.12 3.26 -22.69
N GLN A 377 -10.27 3.99 -23.44
CA GLN A 377 -9.98 3.61 -24.80
C GLN A 377 -9.33 2.24 -24.86
N MET A 378 -8.29 2.01 -24.08
CA MET A 378 -7.66 0.69 -24.05
C MET A 378 -8.63 -0.38 -23.57
N LEU A 379 -9.53 -0.01 -22.70
CA LEU A 379 -10.50 -0.98 -22.20
C LEU A 379 -11.56 -1.32 -23.27
N ARG A 380 -12.07 -0.32 -24.00
CA ARG A 380 -12.84 -0.56 -25.23
C ARG A 380 -12.12 -1.51 -26.21
N GLU A 381 -10.89 -1.16 -26.60
CA GLU A 381 -10.12 -1.96 -27.55
C GLU A 381 -9.91 -3.39 -27.08
N PHE A 382 -9.48 -3.55 -25.84
CA PHE A 382 -9.38 -4.88 -25.29
C PHE A 382 -10.72 -5.68 -25.34
N GLN A 383 -11.85 -5.01 -25.15
CA GLN A 383 -13.17 -5.68 -25.20
C GLN A 383 -13.46 -6.19 -26.60
N TRP A 384 -13.22 -5.33 -27.58
CA TRP A 384 -13.54 -5.64 -28.95
C TRP A 384 -12.69 -6.81 -29.44
N LEU A 385 -11.41 -6.79 -29.10
CA LEU A 385 -10.49 -7.86 -29.48
C LEU A 385 -10.88 -9.22 -28.88
N ARG A 386 -11.29 -9.24 -27.62
CA ARG A 386 -11.69 -10.47 -26.95
C ARG A 386 -13.00 -11.01 -27.52
N ALA A 387 -13.84 -10.10 -27.96
CA ALA A 387 -15.14 -10.45 -28.55
C ALA A 387 -14.93 -11.02 -29.91
N ASN A 388 -14.09 -10.37 -30.71
CA ASN A 388 -13.86 -10.74 -32.10
C ASN A 388 -12.70 -11.65 -32.32
N SER A 389 -12.27 -12.33 -31.26
CA SER A 389 -11.14 -13.23 -31.35
C SER A 389 -11.40 -14.44 -32.28
N SER A 390 -12.68 -14.88 -32.36
CA SER A 390 -13.19 -15.90 -33.31
C SER A 390 -12.64 -15.85 -34.76
N VAL A 391 -12.43 -14.63 -35.25
CA VAL A 391 -11.74 -14.40 -36.53
C VAL A 391 -10.44 -15.21 -36.66
N VAL A 392 -9.77 -15.56 -35.56
CA VAL A 392 -8.41 -16.19 -35.63
C VAL A 392 -8.14 -17.37 -34.68
N ILE A 404 -13.09 -8.93 -41.43
CA ILE A 404 -12.12 -10.03 -41.57
C ILE A 404 -10.70 -9.50 -41.11
N GLU A 405 -9.87 -9.09 -42.06
CA GLU A 405 -8.52 -8.47 -41.84
C GLU A 405 -8.29 -7.59 -40.61
N GLU A 406 -9.26 -6.73 -40.30
CA GLU A 406 -9.07 -5.55 -39.46
C GLU A 406 -8.45 -5.83 -38.10
N TRP A 407 -8.98 -6.84 -37.41
CA TRP A 407 -8.59 -7.22 -36.04
C TRP A 407 -7.10 -7.04 -35.73
N ARG A 408 -6.26 -7.57 -36.60
CA ARG A 408 -4.82 -7.64 -36.38
C ARG A 408 -4.16 -6.30 -36.49
N SER A 409 -4.64 -5.48 -37.42
CA SER A 409 -4.22 -4.07 -37.51
C SER A 409 -4.52 -3.39 -36.18
N ARG A 410 -5.57 -3.85 -35.52
CA ARG A 410 -5.98 -3.25 -34.25
C ARG A 410 -5.34 -3.93 -33.05
N ALA A 411 -5.04 -5.22 -33.15
CA ALA A 411 -4.24 -5.87 -32.14
C ALA A 411 -2.87 -5.20 -32.03
N ALA A 412 -2.28 -4.88 -33.19
CA ALA A 412 -0.98 -4.22 -33.25
C ALA A 412 -0.94 -2.87 -32.49
N LYS A 413 -1.89 -1.97 -32.79
CA LYS A 413 -2.04 -0.68 -32.08
C LYS A 413 -2.23 -0.88 -30.57
N PHE A 414 -2.94 -1.92 -30.19
CA PHE A 414 -3.17 -2.16 -28.77
C PHE A 414 -1.89 -2.56 -27.97
N GLU A 415 -1.10 -3.48 -28.53
CA GLU A 415 0.19 -3.81 -27.94
C GLU A 415 1.12 -2.61 -27.87
N GLU A 416 0.89 -1.61 -28.71
CA GLU A 416 1.69 -0.39 -28.59
C GLU A 416 1.26 0.42 -27.38
N MET A 417 -0.05 0.45 -27.13
CA MET A 417 -0.63 1.09 -25.95
C MET A 417 -0.10 0.46 -24.67
N CYS A 418 -0.15 -0.87 -24.59
CA CYS A 418 0.44 -1.63 -23.52
C CYS A 418 1.88 -1.25 -23.34
N GLY A 419 2.60 -1.19 -24.47
CA GLY A 419 3.99 -0.71 -24.51
C GLY A 419 4.17 0.59 -23.75
N LEU A 420 3.28 1.53 -24.02
CA LEU A 420 3.35 2.82 -23.36
C LEU A 420 3.15 2.73 -21.85
N VAL A 421 2.45 1.71 -21.37
CA VAL A 421 2.25 1.56 -19.93
C VAL A 421 3.53 1.10 -19.29
N MET A 422 4.14 0.07 -19.89
CA MET A 422 5.47 -0.42 -19.50
C MET A 422 6.52 0.68 -19.57
N GLY A 423 6.48 1.46 -20.65
CA GLY A 423 7.40 2.58 -20.82
C GLY A 423 7.29 3.61 -19.71
N MET A 424 6.04 3.86 -19.32
CA MET A 424 5.72 4.85 -18.32
C MET A 424 6.30 4.39 -16.98
N PHE A 425 6.15 3.12 -16.69
CA PHE A 425 6.70 2.59 -15.48
C PHE A 425 8.26 2.64 -15.41
N THR A 426 8.91 2.26 -16.51
CA THR A 426 10.34 2.27 -16.60
C THR A 426 10.88 3.66 -16.29
N ARG A 427 10.30 4.69 -16.92
CA ARG A 427 10.84 6.04 -16.80
C ARG A 427 10.61 6.59 -15.41
N LEU A 428 9.43 6.32 -14.88
CA LEU A 428 9.07 6.71 -13.55
C LEU A 428 10.02 6.09 -12.55
N SER A 429 10.49 4.87 -12.88
CA SER A 429 11.44 4.13 -12.04
C SER A 429 12.80 4.80 -11.95
N ASN A 430 13.24 5.42 -13.04
CA ASN A 430 14.51 6.17 -13.04
C ASN A 430 14.42 7.61 -12.56
N CYS A 431 13.27 8.07 -12.09
CA CYS A 431 13.17 9.50 -11.78
C CYS A 431 13.86 9.87 -10.48
N ALA A 432 14.29 11.12 -10.36
CA ALA A 432 15.10 11.57 -9.22
C ALA A 432 14.31 11.71 -7.93
N ASN A 433 13.00 11.91 -8.06
CA ASN A 433 12.13 12.16 -6.92
C ASN A 433 11.55 10.83 -6.42
N ARG A 434 12.26 10.26 -5.44
CA ARG A 434 11.98 8.90 -4.95
C ARG A 434 10.77 8.89 -4.04
N THR A 435 10.59 9.96 -3.27
CA THR A 435 9.34 10.24 -2.54
C THR A 435 8.07 9.95 -3.40
N ILE A 436 8.03 10.50 -4.61
CA ILE A 436 6.91 10.35 -5.55
C ILE A 436 6.80 8.90 -6.06
N LEU A 437 7.89 8.39 -6.61
CA LEU A 437 7.96 6.94 -6.92
C LEU A 437 7.44 6.01 -5.83
N TYR A 438 7.99 6.13 -4.61
CA TYR A 438 7.59 5.22 -3.54
C TYR A 438 6.10 5.30 -3.25
N ASP A 439 5.57 6.51 -3.20
CA ASP A 439 4.14 6.73 -2.94
C ASP A 439 3.24 6.03 -3.94
N MET A 440 3.70 5.92 -5.19
CA MET A 440 2.86 5.38 -6.26
C MET A 440 3.27 4.01 -6.75
N TYR A 441 4.30 3.49 -6.14
CA TYR A 441 4.95 2.31 -6.66
C TYR A 441 3.98 1.15 -6.88
N SER A 442 3.32 0.71 -5.80
CA SER A 442 2.57 -0.51 -5.91
C SER A 442 1.42 -0.30 -6.89
N TYR A 443 0.91 0.93 -6.93
CA TYR A 443 -0.14 1.25 -7.89
C TYR A 443 0.34 1.13 -9.35
N VAL A 444 1.45 1.75 -9.68
CA VAL A 444 1.98 1.65 -11.04
C VAL A 444 2.49 0.26 -11.39
N TRP A 445 3.07 -0.44 -10.41
CA TRP A 445 3.58 -1.78 -10.65
C TRP A 445 2.43 -2.70 -11.11
N ASP A 446 1.35 -2.62 -10.37
CA ASP A 446 0.19 -3.43 -10.61
C ASP A 446 -0.29 -3.29 -12.05
N ILE A 447 -0.48 -2.05 -12.49
CA ILE A 447 -1.02 -1.76 -13.78
C ILE A 447 -0.15 -2.28 -14.89
N LYS A 448 1.17 -2.10 -14.73
CA LYS A 448 2.14 -2.59 -15.67
C LYS A 448 2.10 -4.13 -15.79
N SER A 449 2.05 -4.84 -14.67
CA SER A 449 1.98 -6.33 -14.64
C SER A 449 0.79 -6.86 -15.37
N ILE A 450 -0.38 -6.38 -14.96
CA ILE A 450 -1.65 -6.68 -15.62
C ILE A 450 -1.66 -6.31 -17.10
N MET A 451 -1.14 -5.14 -17.46
CA MET A 451 -1.09 -4.76 -18.87
C MET A 451 -0.22 -5.67 -19.69
N SER A 452 0.90 -6.09 -19.13
CA SER A 452 1.85 -6.85 -19.89
C SER A 452 1.28 -8.25 -20.08
N MET A 453 0.56 -8.70 -19.07
CA MET A 453 -0.18 -9.94 -19.13
C MET A 453 -1.35 -9.84 -20.14
N VAL A 454 -2.04 -8.70 -20.16
CA VAL A 454 -3.09 -8.46 -21.15
C VAL A 454 -2.50 -8.42 -22.55
N LYS A 455 -1.30 -7.83 -22.68
CA LYS A 455 -0.58 -7.78 -23.96
C LYS A 455 -0.33 -9.19 -24.49
N SER A 456 0.26 -10.01 -23.63
CA SER A 456 0.63 -11.34 -24.05
C SER A 456 -0.63 -12.09 -24.38
N PHE A 457 -1.66 -11.96 -23.55
CA PHE A 457 -2.87 -12.72 -23.76
C PHE A 457 -3.51 -12.36 -25.09
N VAL A 458 -3.43 -11.09 -25.47
CA VAL A 458 -3.91 -10.66 -26.77
C VAL A 458 -3.14 -11.38 -27.85
N GLN A 459 -1.83 -11.45 -27.70
CA GLN A 459 -1.01 -12.23 -28.62
C GLN A 459 -1.42 -13.70 -28.72
N TRP A 460 -1.83 -14.31 -27.60
CA TRP A 460 -2.20 -15.75 -27.51
C TRP A 460 -3.27 -16.08 -28.54
N LEU A 461 -4.14 -15.10 -28.76
CA LEU A 461 -5.20 -15.11 -29.75
C LEU A 461 -4.68 -15.00 -31.18
N GLY A 462 -3.72 -14.11 -31.43
CA GLY A 462 -2.96 -14.08 -32.68
C GLY A 462 -2.13 -15.33 -32.99
N CYS A 463 -1.43 -15.90 -32.00
CA CYS A 463 -0.43 -17.03 -32.19
C CYS A 463 -1.12 -18.33 -32.59
N ARG A 464 -0.33 -19.40 -32.69
CA ARG A 464 -0.85 -20.75 -32.79
C ARG A 464 -0.82 -21.39 -31.38
N SER A 465 -0.12 -20.71 -30.44
CA SER A 465 -0.02 -21.03 -28.97
C SER A 465 0.91 -20.08 -28.13
N TRP A 479 -1.66 -17.37 -11.62
CA TRP A 479 -2.17 -16.65 -10.47
C TRP A 479 -3.64 -16.95 -10.21
N ALA A 480 -3.87 -18.18 -9.73
CA ALA A 480 -5.11 -18.58 -9.05
C ALA A 480 -5.19 -18.00 -7.62
N PHE A 481 -4.06 -17.52 -7.11
CA PHE A 481 -4.01 -16.85 -5.83
C PHE A 481 -3.91 -15.33 -5.98
N ARG A 482 -3.98 -14.82 -7.21
CA ARG A 482 -3.96 -13.37 -7.48
C ARG A 482 -4.94 -12.62 -6.59
N GLY A 483 -4.43 -11.74 -5.74
CA GLY A 483 -5.25 -11.05 -4.74
C GLY A 483 -5.41 -11.83 -3.43
N GLY A 484 -4.80 -13.00 -3.35
CA GLY A 484 -4.91 -13.86 -2.19
C GLY A 484 -6.35 -14.12 -1.81
N LEU A 485 -6.56 -14.31 -0.52
CA LEU A 485 -7.86 -14.70 0.01
C LEU A 485 -8.96 -13.72 -0.36
N ALA A 486 -8.68 -12.45 -0.14
CA ALA A 486 -9.57 -11.35 -0.45
C ALA A 486 -10.03 -11.46 -1.90
N GLY A 487 -9.06 -11.46 -2.83
CA GLY A 487 -9.30 -11.79 -4.23
C GLY A 487 -10.21 -12.99 -4.46
N GLU A 488 -10.08 -14.04 -3.64
CA GLU A 488 -10.79 -15.29 -3.89
C GLU A 488 -12.26 -15.20 -3.53
N PHE A 489 -12.53 -14.58 -2.38
CA PHE A 489 -13.89 -14.30 -1.96
C PHE A 489 -14.55 -13.32 -2.89
N GLN A 490 -13.77 -12.40 -3.41
CA GLN A 490 -14.32 -11.35 -4.22
C GLN A 490 -14.81 -11.90 -5.52
N ARG A 491 -14.13 -12.94 -6.02
CA ARG A 491 -14.47 -13.55 -7.31
C ARG A 491 -15.71 -14.40 -7.17
N LEU A 492 -16.14 -14.63 -5.93
CA LEU A 492 -17.38 -15.37 -5.65
C LEU A 492 -18.65 -14.51 -5.44
N LEU A 493 -18.50 -13.20 -5.30
CA LEU A 493 -19.70 -12.39 -5.26
C LEU A 493 -20.13 -12.04 -6.68
N PRO A 494 -21.46 -12.14 -6.97
CA PRO A 494 -21.97 -11.82 -8.30
C PRO A 494 -21.75 -10.36 -8.69
N ILE A 495 -21.67 -9.47 -7.70
CA ILE A 495 -21.50 -8.04 -7.93
C ILE A 495 -20.12 -7.65 -8.48
N ASP A 496 -19.22 -8.63 -8.58
CA ASP A 496 -17.89 -8.40 -9.13
C ASP A 496 -18.05 -8.20 -10.64
N GLY A 497 -17.53 -7.08 -11.13
CA GLY A 497 -17.72 -6.68 -12.52
C GLY A 497 -19.12 -6.21 -12.85
N ALA A 498 -19.90 -5.86 -11.82
CA ALA A 498 -21.23 -5.27 -12.01
C ALA A 498 -21.14 -3.79 -12.46
N ASN A 499 -19.97 -3.42 -12.99
CA ASN A 499 -19.63 -2.06 -13.39
C ASN A 499 -18.60 -2.01 -14.55
N ASP A 500 -18.76 -2.86 -15.57
CA ASP A 500 -17.80 -2.99 -16.68
C ASP A 500 -18.47 -2.74 -18.06
N PRO B 2 -19.15 1.93 13.11
CA PRO B 2 -19.16 1.75 11.67
C PRO B 2 -18.03 2.56 11.03
N TYR B 3 -18.06 2.65 9.69
CA TYR B 3 -17.08 3.43 8.90
C TYR B 3 -17.97 4.25 8.00
N SER B 4 -17.47 4.85 6.91
CA SER B 4 -18.35 5.70 6.14
C SER B 4 -19.37 4.84 5.40
N SER B 5 -20.27 4.23 6.17
CA SER B 5 -21.05 3.04 5.77
C SER B 5 -21.95 2.61 6.94
N HIS C 1 30.51 -21.63 9.71
CA HIS C 1 30.52 -20.25 9.11
C HIS C 1 29.26 -20.04 8.20
N PHE C 2 28.12 -20.61 8.61
CA PHE C 2 26.88 -20.66 7.79
C PHE C 2 26.03 -19.38 7.84
N LEU C 3 25.59 -18.92 6.67
CA LEU C 3 24.89 -17.61 6.55
C LEU C 3 23.36 -17.69 6.65
N CYS C 4 22.80 -17.07 7.68
CA CYS C 4 21.35 -17.06 7.80
C CYS C 4 20.76 -15.76 8.32
N GLY C 5 19.81 -15.25 7.54
CA GLY C 5 19.04 -14.07 7.89
C GLY C 5 18.22 -13.50 6.75
N VAL C 6 18.32 -12.18 6.59
CA VAL C 6 17.46 -11.41 5.68
C VAL C 6 18.23 -10.85 4.49
N VAL C 7 17.62 -10.93 3.30
CA VAL C 7 17.97 -10.04 2.18
C VAL C 7 16.86 -8.99 2.00
N GLU C 8 17.21 -7.70 2.01
CA GLU C 8 16.30 -6.64 1.53
C GLU C 8 16.49 -6.56 0.02
N GLY C 9 15.74 -7.40 -0.71
CA GLY C 9 16.01 -7.57 -2.14
C GLY C 9 14.81 -7.41 -3.05
N PHE C 10 13.80 -6.69 -2.54
CA PHE C 10 12.53 -6.52 -3.24
C PHE C 10 12.40 -5.19 -3.99
N TYR C 11 11.40 -5.15 -4.85
CA TYR C 11 11.02 -3.95 -5.54
C TYR C 11 10.15 -3.11 -4.65
N GLY C 12 10.24 -1.80 -4.78
CA GLY C 12 9.42 -0.95 -3.95
C GLY C 12 10.13 -0.06 -2.96
N ARG C 13 9.34 0.59 -2.11
CA ARG C 13 9.88 1.50 -1.10
C ARG C 13 10.79 0.70 -0.17
N PRO C 14 12.07 1.09 -0.10
CA PRO C 14 12.99 0.36 0.77
C PRO C 14 12.78 0.73 2.22
N TRP C 15 13.46 0.02 3.12
CA TRP C 15 13.36 0.35 4.53
C TRP C 15 14.25 1.54 4.86
N VAL C 16 13.88 2.26 5.89
CA VAL C 16 14.71 3.35 6.37
C VAL C 16 15.69 2.83 7.42
N MET C 17 16.75 3.58 7.66
CA MET C 17 17.79 3.18 8.61
C MET C 17 17.23 2.77 9.99
N GLU C 18 16.24 3.48 10.51
CA GLU C 18 15.60 3.10 11.81
C GLU C 18 14.96 1.72 11.76
N GLN C 19 14.55 1.28 10.57
CA GLN C 19 13.96 -0.04 10.42
C GLN C 19 15.04 -1.07 10.34
N ARG C 20 16.08 -0.78 9.57
CA ARG C 20 17.23 -1.64 9.41
C ARG C 20 18.02 -1.88 10.72
N LYS C 21 17.83 -1.00 11.70
CA LYS C 21 18.52 -1.09 12.97
C LYS C 21 17.71 -2.00 13.87
N GLU C 22 16.40 -1.74 13.88
CA GLU C 22 15.45 -2.56 14.58
C GLU C 22 15.53 -3.99 14.03
N LEU C 23 15.90 -4.10 12.75
CA LEU C 23 16.05 -5.38 12.11
C LEU C 23 17.23 -6.15 12.67
N PHE C 24 18.41 -5.51 12.69
CA PHE C 24 19.63 -6.13 13.18
C PHE C 24 19.43 -6.64 14.60
N ARG C 25 18.89 -5.76 15.45
CA ARG C 25 18.56 -6.08 16.82
C ARG C 25 17.78 -7.41 16.90
N ARG C 26 16.72 -7.52 16.10
CA ARG C 26 15.89 -8.74 16.06
C ARG C 26 16.67 -9.96 15.57
N LEU C 27 17.54 -9.77 14.59
CA LEU C 27 18.32 -10.87 14.04
C LEU C 27 19.24 -11.52 15.10
N GLN C 28 19.81 -10.69 15.95
CA GLN C 28 20.72 -11.18 16.95
C GLN C 28 19.92 -11.80 18.10
N LYS C 29 18.84 -11.12 18.52
CA LYS C 29 17.85 -11.71 19.46
C LYS C 29 17.47 -13.15 19.08
N TRP C 30 17.51 -13.47 17.79
CA TRP C 30 17.09 -14.77 17.29
C TRP C 30 18.23 -15.51 16.56
N GLU C 31 19.48 -15.13 16.83
CA GLU C 31 20.68 -15.91 16.42
C GLU C 31 20.88 -16.04 14.91
N LEU C 32 20.47 -15.00 14.20
CA LEU C 32 20.79 -14.97 12.79
C LEU C 32 21.98 -14.07 12.62
N ASN C 33 22.71 -14.27 11.54
CA ASN C 33 24.03 -13.68 11.43
C ASN C 33 24.33 -12.76 10.22
N THR C 34 23.36 -12.63 9.31
CA THR C 34 23.61 -12.02 7.99
C THR C 34 22.50 -11.06 7.49
N TYR C 35 22.93 -10.07 6.70
CA TYR C 35 22.01 -9.13 6.04
C TYR C 35 22.54 -8.79 4.67
N LEU C 36 21.76 -9.08 3.64
CA LEU C 36 22.15 -8.62 2.33
C LEU C 36 21.36 -7.36 1.93
N TYR C 37 22.08 -6.25 1.68
CA TYR C 37 21.50 -4.99 1.20
C TYR C 37 21.39 -5.12 -0.29
N ALA C 38 20.16 -5.31 -0.78
CA ALA C 38 19.93 -5.32 -2.22
C ALA C 38 18.54 -4.79 -2.61
N PRO C 39 18.12 -3.60 -2.07
CA PRO C 39 16.78 -3.13 -2.44
C PRO C 39 16.75 -2.68 -3.90
N LYS C 40 15.88 -3.28 -4.68
CA LYS C 40 15.87 -3.04 -6.11
C LYS C 40 15.69 -1.57 -6.53
N ASP C 41 15.01 -0.79 -5.70
CA ASP C 41 14.67 0.58 -6.09
C ASP C 41 15.35 1.63 -5.21
N ASP C 42 16.51 1.28 -4.68
CA ASP C 42 17.41 2.29 -4.17
C ASP C 42 18.29 2.48 -5.35
N TYR C 43 18.11 3.60 -6.01
CA TYR C 43 18.62 3.81 -7.34
C TYR C 43 20.13 3.58 -7.51
N LYS C 44 20.93 3.75 -6.46
CA LYS C 44 22.37 3.59 -6.63
C LYS C 44 22.85 2.15 -6.48
N HIS C 45 21.96 1.28 -5.99
CA HIS C 45 22.19 -0.15 -6.03
C HIS C 45 22.03 -0.75 -7.44
N ARG C 46 21.06 -0.29 -8.20
CA ARG C 46 20.81 -0.91 -9.50
C ARG C 46 20.68 0.07 -10.62
N MET C 47 19.71 0.99 -10.48
CA MET C 47 19.33 1.84 -11.57
C MET C 47 20.49 2.70 -11.99
N PHE C 48 21.16 3.31 -11.02
CA PHE C 48 22.33 4.13 -11.31
C PHE C 48 23.48 3.65 -10.46
N TRP C 49 23.91 2.42 -10.74
CA TRP C 49 24.93 1.73 -9.97
C TRP C 49 26.32 2.36 -10.11
N ARG C 50 26.58 2.96 -11.29
CA ARG C 50 27.80 3.69 -11.52
C ARG C 50 27.99 4.82 -10.52
N GLU C 51 26.93 5.45 -10.05
CA GLU C 51 27.05 6.66 -9.23
C GLU C 51 27.53 6.42 -7.83
N MET C 52 28.42 7.31 -7.37
CA MET C 52 28.92 7.35 -6.00
C MET C 52 27.88 7.90 -5.05
N TYR C 53 27.88 7.43 -3.81
CA TYR C 53 27.01 7.98 -2.76
C TYR C 53 27.44 9.39 -2.41
N SER C 54 26.46 10.28 -2.24
CA SER C 54 26.73 11.66 -1.88
C SER C 54 27.19 11.69 -0.44
N VAL C 55 27.48 12.89 0.03
CA VAL C 55 28.03 13.09 1.36
C VAL C 55 27.07 12.63 2.42
N GLU C 56 25.79 13.00 2.30
CA GLU C 56 24.84 12.66 3.37
C GLU C 56 24.45 11.19 3.32
N GLU C 57 24.38 10.64 2.09
CA GLU C 57 24.22 9.19 1.89
C GLU C 57 25.38 8.38 2.51
N ALA C 58 26.61 8.86 2.34
CA ALA C 58 27.80 8.27 2.99
C ALA C 58 27.68 8.19 4.51
N GLU C 59 27.38 9.32 5.14
CA GLU C 59 27.21 9.33 6.57
C GLU C 59 26.19 8.26 7.01
N GLN C 60 25.13 8.10 6.22
CA GLN C 60 24.03 7.20 6.57
C GLN C 60 24.37 5.73 6.44
N LEU C 61 25.07 5.41 5.35
CA LEU C 61 25.50 4.09 5.11
C LEU C 61 26.49 3.65 6.18
N MET C 62 27.41 4.54 6.53
CA MET C 62 28.42 4.27 7.55
C MET C 62 27.78 4.04 8.91
N THR C 63 26.84 4.89 9.29
CA THR C 63 26.15 4.74 10.55
C THR C 63 25.48 3.35 10.62
N LEU C 64 25.00 2.88 9.47
CA LEU C 64 24.28 1.62 9.37
C LEU C 64 25.21 0.40 9.41
N ILE C 65 26.28 0.47 8.63
CA ILE C 65 27.29 -0.55 8.67
C ILE C 65 27.90 -0.66 10.07
N SER C 66 27.95 0.47 10.79
CA SER C 66 28.36 0.49 12.20
C SER C 66 27.46 -0.40 12.98
N ALA C 67 26.17 -0.06 12.97
CA ALA C 67 25.17 -0.78 13.75
C ALA C 67 25.18 -2.30 13.45
N ALA C 68 25.46 -2.67 12.20
CA ALA C 68 25.62 -4.07 11.80
C ALA C 68 26.69 -4.77 12.61
N ARG C 69 27.88 -4.17 12.62
CA ARG C 69 29.03 -4.74 13.34
C ARG C 69 28.77 -4.68 14.85
N GLU C 70 28.27 -3.53 15.32
CA GLU C 70 27.83 -3.37 16.69
C GLU C 70 26.89 -4.48 17.19
N TYR C 71 26.13 -5.09 16.27
CA TYR C 71 25.24 -6.22 16.59
C TYR C 71 25.73 -7.57 16.00
N GLU C 72 27.03 -7.68 15.74
CA GLU C 72 27.63 -8.89 15.13
C GLU C 72 26.83 -9.46 13.94
N ILE C 73 26.14 -8.60 13.19
CA ILE C 73 25.44 -9.02 11.98
C ILE C 73 26.33 -8.72 10.82
N GLU C 74 26.56 -9.72 9.98
CA GLU C 74 27.42 -9.53 8.83
C GLU C 74 26.64 -8.73 7.81
N PHE C 75 27.18 -7.57 7.43
CA PHE C 75 26.57 -6.71 6.40
C PHE C 75 27.12 -7.01 5.01
N ILE C 76 26.28 -7.52 4.10
CA ILE C 76 26.74 -7.74 2.72
C ILE C 76 26.12 -6.69 1.80
N TYR C 77 26.96 -6.02 1.02
CA TYR C 77 26.53 -4.97 0.13
C TYR C 77 26.39 -5.57 -1.24
N ALA C 78 25.22 -5.41 -1.86
CA ALA C 78 25.01 -5.89 -3.22
C ALA C 78 25.06 -4.77 -4.24
N ILE C 79 25.40 -5.11 -5.48
CA ILE C 79 25.32 -4.17 -6.61
C ILE C 79 24.84 -4.89 -7.90
N SER C 80 23.92 -4.26 -8.61
CA SER C 80 23.23 -4.86 -9.75
C SER C 80 23.47 -4.03 -10.98
N PRO C 81 24.60 -4.30 -11.65
CA PRO C 81 24.95 -3.57 -12.84
C PRO C 81 24.46 -4.25 -14.11
N GLY C 82 23.65 -5.30 -13.94
CA GLY C 82 23.26 -6.17 -15.03
C GLY C 82 22.62 -5.50 -16.23
N LEU C 83 21.89 -4.43 -15.95
CA LEU C 83 20.97 -3.85 -16.93
C LEU C 83 21.68 -3.26 -18.13
N ASP C 84 22.76 -2.53 -17.90
CA ASP C 84 23.33 -1.69 -18.95
C ASP C 84 24.84 -1.67 -18.97
N ILE C 85 25.50 -2.48 -18.13
CA ILE C 85 26.98 -2.59 -18.09
C ILE C 85 27.51 -3.04 -19.45
N THR C 86 28.68 -2.54 -19.87
CA THR C 86 29.43 -3.13 -20.98
C THR C 86 30.60 -3.90 -20.35
N PHE C 87 30.53 -5.22 -20.45
CA PHE C 87 31.43 -6.13 -19.74
C PHE C 87 32.85 -5.99 -20.22
N SER C 88 33.00 -5.94 -21.54
CA SER C 88 34.28 -5.76 -22.18
C SER C 88 34.95 -4.38 -21.96
N ASN C 89 34.18 -3.29 -21.83
CA ASN C 89 34.82 -1.98 -21.59
C ASN C 89 35.47 -1.82 -20.21
N PRO C 90 36.78 -1.51 -20.18
CA PRO C 90 37.48 -1.45 -18.88
C PRO C 90 37.14 -0.25 -18.04
N LYS C 91 36.75 0.87 -18.66
CA LYS C 91 36.33 2.05 -17.86
C LYS C 91 35.10 1.71 -17.03
N GLU C 92 34.23 0.87 -17.60
CA GLU C 92 33.08 0.27 -16.91
C GLU C 92 33.46 -0.52 -15.68
N VAL C 93 34.42 -1.43 -15.87
CA VAL C 93 34.97 -2.24 -14.78
C VAL C 93 35.60 -1.32 -13.72
N SER C 94 36.31 -0.26 -14.18
CA SER C 94 36.88 0.76 -13.25
C SER C 94 35.81 1.41 -12.37
N THR C 95 34.74 1.89 -13.02
CA THR C 95 33.58 2.50 -12.34
C THR C 95 33.02 1.56 -11.27
N LEU C 96 32.92 0.28 -11.61
CA LEU C 96 32.44 -0.73 -10.66
C LEU C 96 33.37 -0.92 -9.47
N LYS C 97 34.68 -0.96 -9.76
CA LYS C 97 35.69 -1.03 -8.68
C LYS C 97 35.67 0.21 -7.79
N ARG C 98 35.59 1.41 -8.40
CA ARG C 98 35.56 2.69 -7.65
C ARG C 98 34.33 2.76 -6.73
N LYS C 99 33.22 2.22 -7.23
CA LYS C 99 31.97 2.12 -6.44
C LYS C 99 32.10 1.18 -5.23
N LEU C 100 32.60 -0.03 -5.47
CA LEU C 100 32.77 -0.98 -4.37
C LEU C 100 33.81 -0.50 -3.33
N ASP C 101 34.90 0.13 -3.80
CA ASP C 101 35.88 0.80 -2.93
C ASP C 101 35.24 1.82 -2.01
N GLN C 102 34.39 2.67 -2.61
CA GLN C 102 33.69 3.67 -1.80
C GLN C 102 32.93 3.06 -0.64
N VAL C 103 32.47 1.82 -0.78
CA VAL C 103 31.68 1.17 0.26
C VAL C 103 32.59 0.46 1.24
N SER C 104 33.70 -0.04 0.70
CA SER C 104 34.77 -0.63 1.50
C SER C 104 35.15 0.27 2.68
N GLN C 105 35.31 1.56 2.40
CA GLN C 105 35.66 2.57 3.41
C GLN C 105 34.49 2.95 4.32
N PHE C 106 33.37 2.26 4.24
CA PHE C 106 32.30 2.54 5.22
C PHE C 106 32.44 1.54 6.35
N GLY C 107 33.19 0.47 6.08
CA GLY C 107 33.40 -0.60 7.05
C GLY C 107 32.89 -1.90 6.51
N CYS C 108 32.74 -1.95 5.19
CA CYS C 108 32.08 -3.05 4.54
C CYS C 108 33.08 -4.07 4.05
N ARG C 109 32.90 -5.32 4.48
CA ARG C 109 33.81 -6.41 4.18
C ARG C 109 33.24 -7.40 3.17
N SER C 110 31.93 -7.61 3.21
CA SER C 110 31.28 -8.58 2.33
C SER C 110 30.58 -7.90 1.16
N PHE C 111 30.62 -8.55 0.00
CA PHE C 111 30.12 -7.96 -1.23
C PHE C 111 29.33 -8.96 -2.09
N ALA C 112 28.47 -8.44 -2.97
CA ALA C 112 27.72 -9.31 -3.87
C ALA C 112 27.46 -8.64 -5.22
N LEU C 113 27.72 -9.37 -6.31
CA LEU C 113 27.22 -8.97 -7.64
C LEU C 113 25.97 -9.76 -8.00
N LEU C 114 24.91 -9.05 -8.36
CA LEU C 114 23.67 -9.70 -8.76
C LEU C 114 23.41 -9.47 -10.23
N PHE C 115 23.10 -10.55 -10.94
CA PHE C 115 22.75 -10.47 -12.34
C PHE C 115 21.37 -11.08 -12.63
N ASP C 116 20.50 -11.07 -11.62
CA ASP C 116 19.10 -11.46 -11.79
C ASP C 116 18.29 -10.51 -12.68
N ASN C 117 17.33 -11.07 -13.42
CA ASN C 117 16.34 -10.28 -14.14
C ASN C 117 16.94 -9.31 -15.17
N ILE C 118 17.68 -9.83 -16.14
CA ILE C 118 18.26 -9.00 -17.22
C ILE C 118 18.21 -9.72 -18.57
N ASP C 119 18.28 -8.95 -19.66
CA ASP C 119 18.27 -9.47 -21.02
C ASP C 119 19.35 -10.53 -21.24
N HIS C 120 19.01 -11.61 -21.94
CA HIS C 120 19.94 -12.74 -22.06
C HIS C 120 21.05 -12.61 -23.14
N ASN C 121 21.03 -11.51 -23.88
CA ASN C 121 22.05 -11.23 -24.89
C ASN C 121 23.00 -10.11 -24.42
N MET C 122 24.00 -9.78 -25.24
CA MET C 122 24.91 -8.66 -24.99
C MET C 122 25.00 -7.71 -26.19
N CYS C 123 25.76 -6.62 -26.03
CA CYS C 123 25.98 -5.68 -27.13
C CYS C 123 27.04 -6.19 -28.10
N ALA C 124 27.04 -5.64 -29.32
CA ALA C 124 28.02 -5.96 -30.38
C ALA C 124 29.48 -6.00 -29.88
N ALA C 125 29.92 -4.98 -29.14
CA ALA C 125 31.26 -4.98 -28.50
C ALA C 125 31.58 -6.27 -27.71
N ASP C 126 30.64 -6.74 -26.90
CA ASP C 126 30.87 -7.90 -26.00
C ASP C 126 30.94 -9.24 -26.71
N LYS C 127 30.15 -9.39 -27.78
CA LYS C 127 30.06 -10.64 -28.55
C LYS C 127 31.44 -11.11 -29.06
N GLU C 128 32.36 -10.15 -29.19
CA GLU C 128 33.72 -10.38 -29.66
C GLU C 128 34.60 -10.94 -28.54
N VAL C 129 34.69 -10.19 -27.43
CA VAL C 129 35.55 -10.58 -26.31
C VAL C 129 35.11 -11.90 -25.68
N PHE C 130 33.80 -12.09 -25.54
CA PHE C 130 33.25 -13.21 -24.79
C PHE C 130 32.49 -14.19 -25.64
N SER C 131 32.81 -15.46 -25.43
CA SER C 131 32.17 -16.53 -26.18
C SER C 131 30.69 -16.68 -25.81
N SER C 132 30.35 -16.42 -24.54
CA SER C 132 28.96 -16.41 -24.07
C SER C 132 28.71 -15.35 -23.01
N PHE C 133 27.41 -15.09 -22.80
CA PHE C 133 26.88 -14.29 -21.68
C PHE C 133 27.45 -14.74 -20.33
N ALA C 134 27.48 -16.06 -20.13
CA ALA C 134 27.98 -16.64 -18.90
C ALA C 134 29.42 -16.24 -18.65
N HIS C 135 30.26 -16.38 -19.67
CA HIS C 135 31.68 -16.01 -19.59
C HIS C 135 31.87 -14.58 -19.07
N ALA C 136 31.05 -13.68 -19.61
CA ALA C 136 31.23 -12.27 -19.38
C ALA C 136 30.99 -11.92 -17.93
N GLN C 137 29.90 -12.41 -17.38
CA GLN C 137 29.63 -12.17 -15.98
C GLN C 137 30.73 -12.75 -15.09
N VAL C 138 31.11 -13.99 -15.35
CA VAL C 138 32.10 -14.68 -14.54
C VAL C 138 33.42 -13.88 -14.55
N SER C 139 33.86 -13.54 -15.76
CA SER C 139 35.12 -12.83 -15.93
C SER C 139 35.17 -11.57 -15.08
N ILE C 140 34.09 -10.80 -15.12
CA ILE C 140 34.03 -9.55 -14.37
C ILE C 140 33.89 -9.82 -12.86
N THR C 141 33.25 -10.92 -12.50
CA THR C 141 32.99 -11.23 -11.09
C THR C 141 34.27 -11.62 -10.38
N ASN C 142 34.97 -12.61 -10.95
CA ASN C 142 36.28 -13.00 -10.51
C ASN C 142 37.21 -11.77 -10.36
N GLU C 143 37.39 -11.03 -11.46
CA GLU C 143 38.20 -9.78 -11.47
C GLU C 143 37.99 -8.92 -10.25
N ILE C 144 36.73 -8.73 -9.89
CA ILE C 144 36.35 -7.95 -8.75
C ILE C 144 36.75 -8.70 -7.49
N TYR C 145 36.41 -9.99 -7.42
CA TYR C 145 36.67 -10.81 -6.20
C TYR C 145 38.10 -10.59 -5.75
N GLN C 146 39.01 -10.79 -6.70
CA GLN C 146 40.44 -10.63 -6.47
C GLN C 146 40.81 -9.20 -6.16
N TYR C 147 40.29 -8.25 -6.95
CA TYR C 147 40.49 -6.80 -6.67
C TYR C 147 40.18 -6.43 -5.22
N LEU C 148 39.14 -7.03 -4.66
CA LEU C 148 38.77 -6.81 -3.28
C LEU C 148 39.70 -7.51 -2.30
N GLY C 149 40.64 -8.28 -2.85
CA GLY C 149 41.58 -9.06 -2.08
C GLY C 149 40.93 -10.30 -1.52
N GLU C 150 40.07 -10.93 -2.31
CA GLU C 150 39.37 -12.18 -1.93
C GLU C 150 38.68 -12.02 -0.57
N PRO C 151 37.59 -11.22 -0.49
CA PRO C 151 37.00 -10.89 0.83
C PRO C 151 36.29 -12.06 1.52
N GLU C 152 35.97 -11.87 2.81
CA GLU C 152 35.33 -12.87 3.68
C GLU C 152 34.16 -13.61 2.98
N THR C 153 33.04 -12.92 2.75
CA THR C 153 31.87 -13.51 2.07
C THR C 153 31.59 -12.75 0.80
N PHE C 154 31.45 -13.46 -0.31
CA PHE C 154 31.21 -12.80 -1.56
C PHE C 154 30.22 -13.59 -2.44
N LEU C 155 29.04 -12.99 -2.68
CA LEU C 155 27.93 -13.67 -3.38
C LEU C 155 27.72 -13.26 -4.84
N PHE C 156 27.21 -14.21 -5.62
CA PHE C 156 26.93 -14.05 -7.05
C PHE C 156 25.53 -14.61 -7.35
N CYS C 157 24.68 -13.77 -7.92
CA CYS C 157 23.35 -14.17 -8.29
C CYS C 157 23.28 -14.24 -9.77
N PRO C 158 23.05 -15.45 -10.30
CA PRO C 158 23.10 -15.62 -11.74
C PRO C 158 21.79 -15.18 -12.37
N THR C 159 21.81 -15.08 -13.69
CA THR C 159 20.63 -14.76 -14.46
C THR C 159 19.64 -15.92 -14.45
N GLU C 160 20.13 -17.14 -14.62
CA GLU C 160 19.30 -18.36 -14.47
C GLU C 160 19.39 -18.77 -13.02
N TYR C 161 18.64 -18.08 -12.15
CA TYR C 161 18.79 -18.21 -10.72
C TYR C 161 17.79 -19.13 -10.01
N CYS C 162 17.00 -19.84 -10.81
CA CYS C 162 16.07 -20.86 -10.29
C CYS C 162 15.70 -21.84 -11.41
N GLY C 163 15.07 -22.95 -11.02
CA GLY C 163 14.76 -24.05 -11.94
C GLY C 163 14.05 -23.57 -13.19
N THR C 164 12.97 -22.83 -13.03
CA THR C 164 12.21 -22.35 -14.18
C THR C 164 13.10 -21.58 -15.15
N PHE C 165 14.13 -20.93 -14.60
CA PHE C 165 14.90 -19.95 -15.34
C PHE C 165 16.10 -20.53 -16.04
N CYS C 166 16.29 -21.84 -15.90
CA CYS C 166 17.45 -22.50 -16.51
C CYS C 166 17.09 -23.04 -17.90
N TYR C 167 17.96 -22.78 -18.86
CA TYR C 167 17.65 -23.01 -20.28
C TYR C 167 18.61 -24.01 -20.92
N PRO C 168 18.11 -25.08 -21.54
CA PRO C 168 16.69 -25.41 -21.59
C PRO C 168 16.19 -26.15 -20.33
N ASN C 169 17.11 -26.75 -19.60
CA ASN C 169 16.77 -27.35 -18.32
C ASN C 169 17.89 -27.01 -17.35
N VAL C 170 17.65 -27.35 -16.08
CA VAL C 170 18.56 -27.05 -14.98
C VAL C 170 19.90 -27.77 -15.12
N SER C 171 19.89 -29.08 -15.27
CA SER C 171 21.17 -29.79 -15.37
C SER C 171 21.77 -29.94 -16.80
N GLN C 172 21.26 -29.18 -17.78
CA GLN C 172 21.85 -29.19 -19.14
C GLN C 172 22.05 -27.79 -19.75
N SER C 173 22.21 -26.80 -18.87
CA SER C 173 22.33 -25.39 -19.24
C SER C 173 23.77 -24.98 -19.56
N PRO C 174 24.06 -24.55 -20.82
CA PRO C 174 25.39 -23.99 -21.11
C PRO C 174 25.80 -22.91 -20.10
N TYR C 175 24.92 -21.92 -19.88
CA TYR C 175 25.13 -20.85 -18.92
C TYR C 175 25.50 -21.37 -17.53
N LEU C 176 24.68 -22.23 -16.96
CA LEU C 176 24.98 -22.71 -15.61
C LEU C 176 26.17 -23.61 -15.56
N ARG C 177 26.47 -24.25 -16.70
CA ARG C 177 27.63 -25.14 -16.80
C ARG C 177 28.88 -24.31 -16.64
N THR C 178 29.00 -23.26 -17.45
CA THR C 178 30.20 -22.46 -17.47
C THR C 178 30.41 -21.72 -16.15
N VAL C 179 29.32 -21.39 -15.47
CA VAL C 179 29.40 -20.79 -14.14
C VAL C 179 30.02 -21.78 -13.18
N GLY C 180 29.52 -23.01 -13.19
CA GLY C 180 30.03 -24.08 -12.34
C GLY C 180 31.53 -24.18 -12.51
N GLU C 181 31.96 -24.13 -13.78
CA GLU C 181 33.35 -24.34 -14.20
C GLU C 181 34.25 -23.21 -13.77
N LYS C 182 33.87 -21.98 -14.15
CA LYS C 182 34.79 -20.84 -14.14
C LYS C 182 34.71 -19.85 -13.00
N LEU C 183 33.64 -19.88 -12.23
CA LEU C 183 33.49 -18.94 -11.11
C LEU C 183 34.28 -19.42 -9.88
N LEU C 184 35.15 -18.54 -9.36
CA LEU C 184 36.13 -18.93 -8.35
C LEU C 184 35.55 -19.52 -7.06
N PRO C 185 36.06 -20.68 -6.59
CA PRO C 185 35.54 -21.47 -5.43
C PRO C 185 35.16 -20.71 -4.15
N GLY C 186 35.77 -19.55 -3.91
CA GLY C 186 35.44 -18.77 -2.72
C GLY C 186 34.27 -17.81 -2.90
N ILE C 187 33.74 -17.77 -4.14
CA ILE C 187 32.53 -17.01 -4.48
C ILE C 187 31.32 -17.93 -4.37
N GLU C 188 30.35 -17.50 -3.57
CA GLU C 188 29.10 -18.23 -3.38
C GLU C 188 28.02 -17.89 -4.38
N VAL C 189 27.20 -18.90 -4.67
CA VAL C 189 26.14 -18.76 -5.66
C VAL C 189 24.77 -18.76 -5.01
N LEU C 190 23.95 -17.80 -5.45
CA LEU C 190 22.59 -17.60 -4.95
C LEU C 190 21.54 -18.35 -5.76
N TRP C 191 20.53 -18.90 -5.10
CA TRP C 191 19.52 -19.78 -5.75
C TRP C 191 18.20 -19.60 -5.04
N THR C 192 17.12 -19.52 -5.79
CA THR C 192 15.78 -19.28 -5.16
C THR C 192 14.91 -20.53 -5.06
N GLY C 193 15.40 -21.62 -5.65
CA GLY C 193 14.73 -22.91 -5.69
C GLY C 193 14.37 -23.29 -7.11
N PRO C 194 13.33 -24.15 -7.26
CA PRO C 194 12.91 -24.51 -8.62
C PRO C 194 12.14 -23.39 -9.32
N LYS C 195 11.46 -22.54 -8.53
CA LYS C 195 10.82 -21.33 -9.05
C LYS C 195 11.42 -20.08 -8.38
N VAL C 196 11.01 -18.91 -8.88
CA VAL C 196 11.21 -17.60 -8.24
C VAL C 196 10.61 -17.59 -6.81
N VAL C 197 9.36 -18.03 -6.66
CA VAL C 197 8.74 -18.23 -5.34
C VAL C 197 8.48 -19.72 -5.19
N SER C 198 9.34 -20.36 -4.43
CA SER C 198 9.30 -21.79 -4.35
C SER C 198 8.34 -22.20 -3.26
N LYS C 199 7.44 -23.11 -3.62
CA LYS C 199 6.49 -23.71 -2.67
C LYS C 199 7.22 -24.71 -1.80
N GLU C 200 8.13 -25.45 -2.43
CA GLU C 200 8.85 -26.50 -1.78
C GLU C 200 10.21 -26.51 -2.40
N ILE C 201 11.20 -26.73 -1.54
CA ILE C 201 12.58 -26.95 -1.99
C ILE C 201 13.00 -28.40 -1.69
N PRO C 202 12.90 -29.28 -2.72
CA PRO C 202 13.30 -30.66 -2.54
C PRO C 202 14.82 -30.75 -2.45
N VAL C 203 15.28 -31.59 -1.54
CA VAL C 203 16.70 -31.82 -1.38
C VAL C 203 17.31 -32.30 -2.71
N GLU C 204 16.52 -33.03 -3.50
CA GLU C 204 16.96 -33.53 -4.81
C GLU C 204 17.24 -32.40 -5.77
N SER C 205 16.50 -31.30 -5.65
CA SER C 205 16.66 -30.13 -6.51
C SER C 205 17.99 -29.43 -6.21
N ILE C 206 18.24 -29.25 -4.91
CA ILE C 206 19.52 -28.74 -4.41
C ILE C 206 20.71 -29.62 -4.81
N GLU C 207 20.56 -30.94 -4.70
CA GLU C 207 21.63 -31.86 -5.11
C GLU C 207 21.92 -31.74 -6.57
N GLU C 208 20.85 -31.73 -7.36
CA GLU C 208 20.93 -31.63 -8.81
C GLU C 208 21.61 -30.33 -9.25
N VAL C 209 21.28 -29.24 -8.55
CA VAL C 209 21.86 -27.92 -8.84
C VAL C 209 23.27 -27.76 -8.29
N SER C 210 23.55 -28.39 -7.14
CA SER C 210 24.90 -28.34 -6.57
C SER C 210 25.93 -29.00 -7.49
N LYS C 211 25.50 -30.04 -8.21
CA LYS C 211 26.39 -30.72 -9.13
C LYS C 211 26.75 -29.89 -10.36
N ILE C 212 25.89 -28.95 -10.74
CA ILE C 212 26.17 -28.10 -11.90
C ILE C 212 26.87 -26.82 -11.51
N ILE C 213 26.59 -26.39 -10.28
CA ILE C 213 27.14 -25.19 -9.65
C ILE C 213 28.49 -25.51 -9.01
N LYS C 214 28.79 -26.81 -8.93
CA LYS C 214 30.04 -27.33 -8.38
C LYS C 214 30.30 -26.80 -6.97
N ARG C 215 29.25 -26.35 -6.29
CA ARG C 215 29.28 -25.95 -4.86
C ARG C 215 27.87 -25.88 -4.25
N ALA C 216 27.75 -25.78 -2.93
CA ALA C 216 26.46 -25.59 -2.25
C ALA C 216 25.96 -24.13 -2.34
N PRO C 217 24.66 -23.92 -2.65
CA PRO C 217 24.23 -22.54 -2.80
C PRO C 217 23.63 -21.96 -1.52
N VAL C 218 23.67 -20.63 -1.44
CA VAL C 218 22.90 -19.85 -0.46
C VAL C 218 21.53 -19.59 -1.10
N ILE C 219 20.47 -19.85 -0.36
CA ILE C 219 19.15 -19.59 -0.90
C ILE C 219 18.75 -18.14 -0.68
N TRP C 220 18.40 -17.48 -1.78
CA TRP C 220 17.61 -16.26 -1.79
C TRP C 220 16.17 -16.75 -1.69
N ASP C 221 15.57 -16.69 -0.52
CA ASP C 221 14.24 -17.25 -0.37
C ASP C 221 13.12 -16.23 -0.50
N ASN C 222 12.30 -16.44 -1.55
CA ASN C 222 11.17 -15.57 -1.86
C ASN C 222 9.85 -16.03 -1.24
N ILE C 223 9.96 -16.95 -0.28
CA ILE C 223 8.82 -17.49 0.44
C ILE C 223 7.85 -16.41 0.93
N HIS C 224 8.37 -15.31 1.48
CA HIS C 224 7.48 -14.31 2.10
C HIS C 224 7.39 -12.95 1.36
N ALA C 225 7.96 -12.92 0.17
CA ALA C 225 7.94 -11.74 -0.66
C ALA C 225 6.49 -11.43 -1.08
N ASN C 226 6.13 -10.15 -1.00
CA ASN C 226 4.79 -9.61 -1.31
C ASN C 226 4.75 -8.39 -2.24
N ASP C 227 5.90 -8.09 -2.82
CA ASP C 227 6.09 -6.97 -3.76
C ASP C 227 5.42 -7.17 -5.13
N TYR C 228 5.11 -8.40 -5.51
CA TYR C 228 4.49 -8.72 -6.82
C TYR C 228 2.93 -8.75 -6.82
N ASP C 229 2.30 -8.24 -5.77
CA ASP C 229 0.85 -8.35 -5.60
C ASP C 229 0.45 -7.47 -4.50
N GLN C 230 -0.27 -6.45 -4.89
CA GLN C 230 -0.65 -5.38 -4.02
C GLN C 230 -1.51 -5.91 -2.85
N LYS C 231 -2.35 -6.92 -3.08
CA LYS C 231 -3.27 -7.32 -2.01
C LYS C 231 -2.69 -8.34 -1.04
N ARG C 232 -1.45 -8.77 -1.32
CA ARG C 232 -0.91 -9.96 -0.72
C ARG C 232 0.07 -9.67 0.40
N LEU C 233 -0.12 -10.40 1.50
CA LEU C 233 0.71 -10.36 2.69
C LEU C 233 0.94 -11.77 3.17
N PHE C 234 2.15 -12.05 3.64
CA PHE C 234 2.50 -13.39 4.09
C PHE C 234 3.01 -13.46 5.52
N LEU C 235 2.10 -13.81 6.43
CA LEU C 235 2.41 -14.01 7.84
C LEU C 235 2.43 -15.48 8.24
N GLY C 236 2.64 -16.37 7.29
CA GLY C 236 2.68 -17.80 7.61
C GLY C 236 4.06 -18.22 8.05
N PRO C 237 4.18 -19.46 8.59
CA PRO C 237 5.49 -19.97 9.03
C PRO C 237 6.39 -20.26 7.84
N TYR C 238 7.69 -20.21 8.07
CA TYR C 238 8.61 -20.74 7.09
C TYR C 238 8.30 -22.24 6.88
N LYS C 239 8.10 -22.67 5.63
CA LYS C 239 7.56 -24.02 5.36
C LYS C 239 7.97 -24.53 3.99
N GLY C 240 8.06 -25.85 3.84
CA GLY C 240 8.34 -26.50 2.55
C GLY C 240 9.81 -26.59 2.22
N ARG C 241 10.62 -26.39 3.27
CA ARG C 241 12.07 -26.58 3.20
C ARG C 241 12.46 -27.52 4.33
N SER C 242 12.91 -28.75 4.00
CA SER C 242 13.28 -29.74 5.03
C SER C 242 14.47 -29.24 5.84
N THR C 243 14.45 -29.55 7.13
CA THR C 243 15.58 -29.26 8.06
C THR C 243 16.83 -29.95 7.56
N GLU C 244 16.61 -30.93 6.69
CA GLU C 244 17.67 -31.77 6.17
C GLU C 244 18.40 -31.13 5.02
N LEU C 245 18.03 -29.88 4.76
CA LEU C 245 18.67 -29.07 3.76
C LEU C 245 19.86 -28.33 4.36
N ILE C 246 19.74 -27.97 5.64
CA ILE C 246 20.76 -27.16 6.32
C ILE C 246 22.20 -27.62 6.05
N PRO C 247 22.50 -28.92 6.30
CA PRO C 247 23.84 -29.40 5.95
C PRO C 247 24.20 -29.25 4.50
N ARG C 248 23.20 -29.20 3.62
CA ARG C 248 23.46 -29.20 2.17
C ARG C 248 23.48 -27.81 1.52
N LEU C 249 23.38 -26.75 2.34
CA LEU C 249 23.35 -25.36 1.83
C LEU C 249 24.40 -24.50 2.45
N LYS C 250 24.84 -23.44 1.76
CA LYS C 250 25.71 -22.47 2.43
C LYS C 250 24.98 -21.40 3.24
N GLY C 251 23.72 -21.16 2.87
CA GLY C 251 22.89 -20.27 3.66
C GLY C 251 21.48 -20.14 3.16
N VAL C 252 20.66 -19.52 4.00
CA VAL C 252 19.37 -19.07 3.55
C VAL C 252 19.18 -17.65 4.03
N LEU C 253 18.97 -16.78 3.05
CA LEU C 253 18.54 -15.40 3.30
C LEU C 253 17.13 -15.19 2.81
N THR C 254 16.24 -14.82 3.72
CA THR C 254 14.88 -14.57 3.31
C THR C 254 14.59 -13.13 2.83
N ASN C 255 14.05 -13.00 1.62
CA ASN C 255 13.48 -11.78 1.03
C ASN C 255 12.00 -11.65 1.41
N PRO C 256 11.69 -10.84 2.42
CA PRO C 256 10.34 -10.88 3.00
C PRO C 256 9.35 -9.78 2.49
N ASN C 257 8.24 -9.59 3.21
CA ASN C 257 7.24 -8.58 2.85
C ASN C 257 7.90 -7.23 2.82
N CYS C 258 7.41 -6.34 1.95
CA CYS C 258 7.90 -4.96 1.88
C CYS C 258 7.62 -4.21 3.18
N GLU C 259 6.55 -4.57 3.86
CA GLU C 259 6.13 -3.83 5.03
C GLU C 259 6.88 -4.45 6.19
N PHE C 260 7.84 -3.69 6.70
CA PHE C 260 8.78 -4.14 7.73
C PHE C 260 8.17 -4.95 8.91
N GLU C 261 7.14 -4.38 9.54
CA GLU C 261 6.58 -4.98 10.72
C GLU C 261 5.85 -6.32 10.44
N ALA C 262 5.43 -6.57 9.21
CA ALA C 262 4.78 -7.85 8.82
C ALA C 262 5.70 -9.08 8.85
N ASN C 263 6.99 -8.80 8.87
CA ASN C 263 7.99 -9.82 8.80
C ASN C 263 8.40 -10.47 10.13
N TYR C 264 7.64 -10.22 11.21
CA TYR C 264 7.94 -10.81 12.50
C TYR C 264 7.95 -12.34 12.42
N VAL C 265 6.82 -12.91 12.02
CA VAL C 265 6.69 -14.35 11.82
C VAL C 265 7.73 -14.84 10.81
N ALA C 266 7.84 -14.15 9.67
CA ALA C 266 8.65 -14.62 8.55
C ALA C 266 10.05 -14.88 8.99
N ILE C 267 10.53 -14.06 9.93
CA ILE C 267 11.92 -14.07 10.38
C ILE C 267 12.09 -14.98 11.59
N HIS C 268 11.17 -14.87 12.55
CA HIS C 268 11.14 -15.75 13.71
C HIS C 268 11.17 -17.24 13.34
N THR C 269 10.27 -17.67 12.46
CA THR C 269 10.13 -19.10 12.14
C THR C 269 11.33 -19.59 11.35
N LEU C 270 11.97 -18.68 10.63
CA LEU C 270 13.24 -19.02 9.98
C LEU C 270 14.33 -19.25 11.02
N ALA C 271 14.30 -18.44 12.09
CA ALA C 271 15.23 -18.58 13.22
C ALA C 271 15.06 -19.95 13.87
N THR C 272 13.86 -20.20 14.41
CA THR C 272 13.47 -21.50 14.92
C THR C 272 13.95 -22.67 14.03
N TRP C 273 13.65 -22.61 12.74
CA TRP C 273 14.04 -23.64 11.80
C TRP C 273 15.55 -23.79 11.72
N TYR C 274 16.30 -22.70 11.62
CA TYR C 274 17.77 -22.80 11.58
C TYR C 274 18.34 -23.36 12.88
N LYS C 275 17.75 -22.97 14.00
CA LYS C 275 18.24 -23.32 15.31
C LYS C 275 17.87 -24.75 15.70
N SER C 276 16.91 -25.34 14.98
CA SER C 276 16.54 -26.72 15.19
C SER C 276 17.58 -27.72 14.62
N ASN C 277 18.39 -27.30 13.64
CA ASN C 277 19.39 -28.19 13.05
C ASN C 277 20.64 -27.43 12.59
N MET C 278 21.37 -26.81 13.54
CA MET C 278 22.44 -25.82 13.24
C MET C 278 23.73 -26.41 12.68
N LEU C 315 12.58 -33.31 13.30
CA LEU C 315 12.37 -32.28 12.32
C LEU C 315 12.17 -30.85 12.91
N TYR C 316 11.17 -30.16 12.33
CA TYR C 316 10.71 -28.82 12.68
C TYR C 316 9.25 -28.82 12.28
N SER C 317 8.40 -28.17 13.08
CA SER C 317 6.97 -28.14 12.75
C SER C 317 6.41 -26.74 12.46
N PRO C 318 6.04 -26.47 11.19
CA PRO C 318 5.47 -25.22 10.76
C PRO C 318 4.34 -24.76 11.67
N GLN C 319 3.36 -25.63 11.93
CA GLN C 319 2.27 -25.34 12.82
C GLN C 319 2.80 -24.87 14.20
N MET C 320 3.88 -25.48 14.65
CA MET C 320 4.33 -25.26 16.01
C MET C 320 5.12 -23.96 16.13
N ALA C 321 6.03 -23.71 15.18
CA ALA C 321 6.80 -22.45 15.10
C ALA C 321 5.90 -21.23 15.00
N LEU C 322 4.87 -21.37 14.17
CA LEU C 322 3.82 -20.36 14.08
C LEU C 322 3.24 -20.03 15.45
N LYS C 323 2.84 -21.06 16.20
CA LYS C 323 2.36 -20.88 17.57
C LYS C 323 3.38 -20.04 18.38
N LEU C 324 4.67 -20.33 18.21
CA LEU C 324 5.74 -19.69 18.98
C LEU C 324 5.90 -18.21 18.63
N ALA C 325 5.95 -17.93 17.33
CA ALA C 325 6.10 -16.56 16.85
C ALA C 325 4.88 -15.69 17.24
N LEU C 326 3.66 -16.22 17.11
CA LEU C 326 2.45 -15.42 17.37
C LEU C 326 2.29 -15.01 18.81
N THR C 327 2.68 -15.91 19.71
CA THR C 327 2.66 -15.64 21.14
C THR C 327 3.68 -14.55 21.48
N GLU C 328 4.91 -14.71 21.01
CA GLU C 328 6.02 -13.78 21.29
C GLU C 328 5.83 -12.44 20.60
N TRP C 329 5.16 -12.46 19.45
CA TRP C 329 4.83 -11.25 18.74
C TRP C 329 3.74 -10.49 19.47
N LEU C 330 2.75 -11.21 19.98
CA LEU C 330 1.62 -10.60 20.69
C LEU C 330 2.08 -9.58 21.75
N GLN C 331 3.30 -9.77 22.27
CA GLN C 331 3.88 -8.86 23.29
C GLN C 331 3.98 -7.42 22.80
N GLU C 332 4.32 -7.26 21.52
CA GLU C 332 4.68 -5.98 20.95
C GLU C 332 3.51 -4.99 20.79
N PHE C 333 2.27 -5.49 20.80
CA PHE C 333 1.09 -4.63 20.55
C PHE C 333 0.69 -3.77 21.73
N SER C 352 -8.66 -4.83 23.82
CA SER C 352 -7.36 -4.95 23.16
C SER C 352 -7.23 -6.31 22.46
N VAL C 353 -6.07 -6.53 21.83
CA VAL C 353 -5.83 -7.59 20.84
C VAL C 353 -5.43 -8.92 21.48
N THR C 354 -6.06 -10.01 21.03
CA THR C 354 -5.86 -11.36 21.58
C THR C 354 -5.05 -12.26 20.66
N LEU C 355 -4.49 -13.33 21.21
CA LEU C 355 -3.68 -14.27 20.43
C LEU C 355 -4.49 -14.90 19.31
N GLU C 356 -5.78 -15.11 19.58
CA GLU C 356 -6.74 -15.68 18.62
C GLU C 356 -6.90 -14.74 17.40
N ASP C 357 -6.98 -13.44 17.65
CA ASP C 357 -6.97 -12.43 16.58
C ASP C 357 -5.73 -12.54 15.68
N LEU C 358 -4.56 -12.78 16.29
CA LEU C 358 -3.36 -13.00 15.53
C LEU C 358 -3.44 -14.28 14.73
N GLN C 359 -3.98 -15.33 15.35
CA GLN C 359 -4.11 -16.65 14.71
C GLN C 359 -4.92 -16.51 13.43
N LEU C 360 -6.01 -15.75 13.54
CA LEU C 360 -6.93 -15.45 12.43
C LEU C 360 -6.17 -14.69 11.33
N LEU C 361 -5.47 -13.63 11.76
CA LEU C 361 -4.72 -12.76 10.86
C LEU C 361 -3.67 -13.49 10.05
N ALA C 362 -2.89 -14.34 10.71
CA ALA C 362 -1.91 -15.18 10.02
C ALA C 362 -2.59 -16.13 9.03
N ASP C 363 -3.73 -16.69 9.44
CA ASP C 363 -4.49 -17.64 8.61
C ASP C 363 -5.09 -16.97 7.36
N LEU C 364 -5.46 -15.69 7.47
CA LEU C 364 -5.96 -14.92 6.33
C LEU C 364 -4.84 -14.53 5.30
N PHE C 365 -3.63 -14.24 5.83
CA PHE C 365 -2.46 -13.92 5.01
C PHE C 365 -1.34 -14.85 5.40
N TYR C 366 -1.32 -16.00 4.75
CA TYR C 366 -0.48 -17.12 5.15
C TYR C 366 0.67 -17.28 4.18
N LEU C 367 0.49 -18.01 3.08
CA LEU C 367 1.60 -18.37 2.22
C LEU C 367 1.27 -18.29 0.74
N PRO C 368 2.26 -18.03 -0.13
CA PRO C 368 1.91 -17.78 -1.54
C PRO C 368 1.03 -18.85 -2.23
N TYR C 369 1.02 -20.06 -1.67
CA TYR C 369 0.31 -21.23 -2.23
C TYR C 369 -0.61 -21.88 -1.21
N GLU C 370 -0.95 -21.18 -0.14
CA GLU C 370 -1.71 -21.76 0.94
C GLU C 370 -2.32 -20.68 1.87
N HIS C 371 -3.60 -20.85 2.18
CA HIS C 371 -4.22 -20.09 3.25
C HIS C 371 -4.00 -20.85 4.55
N GLY C 372 -4.27 -20.18 5.67
CA GLY C 372 -4.20 -20.80 6.98
C GLY C 372 -5.46 -21.56 7.29
N PRO C 373 -5.39 -22.51 8.23
CA PRO C 373 -6.58 -23.28 8.62
C PRO C 373 -7.88 -22.45 8.74
N LYS C 374 -7.90 -21.40 9.57
CA LYS C 374 -9.15 -20.67 9.84
C LYS C 374 -9.68 -20.00 8.58
N GLY C 375 -8.79 -19.75 7.60
CA GLY C 375 -9.10 -19.00 6.39
C GLY C 375 -9.60 -19.88 5.28
N ALA C 376 -8.89 -20.99 5.06
CA ALA C 376 -9.34 -22.04 4.16
C ALA C 376 -10.74 -22.54 4.56
N GLN C 377 -10.97 -22.67 5.88
CA GLN C 377 -12.27 -23.06 6.43
C GLN C 377 -13.42 -22.14 5.97
N MET C 378 -13.25 -20.84 6.18
CA MET C 378 -14.23 -19.85 5.74
C MET C 378 -14.47 -19.93 4.23
N LEU C 379 -13.44 -20.25 3.47
CA LEU C 379 -13.61 -20.30 2.02
C LEU C 379 -14.52 -21.48 1.60
N ARG C 380 -14.22 -22.67 2.12
CA ARG C 380 -15.03 -23.86 1.86
C ARG C 380 -16.49 -23.59 2.23
N GLU C 381 -16.68 -23.09 3.47
CA GLU C 381 -17.98 -22.83 4.01
C GLU C 381 -18.76 -21.86 3.14
N PHE C 382 -18.16 -20.75 2.72
CA PHE C 382 -18.85 -19.85 1.84
C PHE C 382 -19.21 -20.52 0.52
N GLN C 383 -18.33 -21.38 0.02
CA GLN C 383 -18.56 -22.01 -1.28
C GLN C 383 -19.75 -22.93 -1.24
N TRP C 384 -19.83 -23.75 -0.18
CA TRP C 384 -20.93 -24.68 0.05
C TRP C 384 -22.23 -23.92 0.17
N LEU C 385 -22.19 -22.84 0.95
CA LEU C 385 -23.36 -22.02 1.22
C LEU C 385 -23.89 -21.40 -0.05
N ARG C 386 -23.01 -20.96 -0.93
CA ARG C 386 -23.44 -20.40 -2.18
C ARG C 386 -23.89 -21.49 -3.16
N ALA C 387 -23.18 -22.63 -3.18
CA ALA C 387 -23.57 -23.75 -4.03
C ALA C 387 -24.94 -24.35 -3.66
N ASN C 388 -25.20 -24.47 -2.36
CA ASN C 388 -26.46 -25.06 -1.86
C ASN C 388 -27.51 -24.02 -1.45
N SER C 389 -27.43 -22.83 -2.02
CA SER C 389 -28.31 -21.71 -1.67
C SER C 389 -29.73 -21.96 -2.15
N SER C 390 -29.80 -22.59 -3.32
CA SER C 390 -31.06 -22.82 -4.01
C SER C 390 -32.16 -23.50 -3.16
N VAL C 391 -31.79 -24.10 -2.04
CA VAL C 391 -32.74 -24.64 -1.02
C VAL C 391 -33.53 -23.51 -0.26
N VAL C 392 -33.53 -22.30 -0.79
CA VAL C 392 -34.20 -21.16 -0.15
C VAL C 392 -34.72 -20.25 -1.27
N ILE C 404 -32.05 -27.18 4.29
CA ILE C 404 -32.88 -26.04 4.69
C ILE C 404 -32.80 -25.90 6.19
N GLU C 405 -32.64 -27.04 6.84
CA GLU C 405 -32.42 -27.13 8.27
C GLU C 405 -30.92 -26.82 8.49
N GLU C 406 -30.08 -27.56 7.78
CA GLU C 406 -28.61 -27.45 7.82
C GLU C 406 -28.11 -26.07 7.38
N TRP C 407 -28.52 -25.64 6.19
CA TRP C 407 -28.04 -24.42 5.56
C TRP C 407 -28.01 -23.22 6.49
N ARG C 408 -29.11 -22.98 7.19
CA ARG C 408 -29.23 -21.81 8.04
C ARG C 408 -28.31 -21.82 9.22
N SER C 409 -28.11 -22.99 9.82
CA SER C 409 -27.29 -23.09 11.03
C SER C 409 -25.88 -22.79 10.63
N ARG C 410 -25.51 -23.15 9.39
CA ARG C 410 -24.15 -22.94 8.91
C ARG C 410 -23.95 -21.48 8.54
N ALA C 411 -25.00 -20.89 7.95
CA ALA C 411 -25.00 -19.47 7.67
C ALA C 411 -24.87 -18.69 8.98
N ALA C 412 -25.59 -19.10 10.02
CA ALA C 412 -25.52 -18.42 11.32
C ALA C 412 -24.10 -18.51 11.89
N LYS C 413 -23.54 -19.72 11.82
CA LYS C 413 -22.17 -19.99 12.21
C LYS C 413 -21.19 -19.21 11.34
N PHE C 414 -21.51 -19.06 10.06
CA PHE C 414 -20.61 -18.36 9.17
C PHE C 414 -20.58 -16.85 9.43
N GLU C 415 -21.76 -16.27 9.62
CA GLU C 415 -21.90 -14.85 9.91
C GLU C 415 -21.17 -14.51 11.19
N GLU C 416 -21.01 -15.52 12.04
CA GLU C 416 -20.27 -15.44 13.29
C GLU C 416 -18.77 -15.34 13.00
N MET C 417 -18.25 -16.23 12.15
CA MET C 417 -16.83 -16.20 11.83
C MET C 417 -16.46 -14.87 11.20
N CYS C 418 -17.36 -14.30 10.39
CA CYS C 418 -17.19 -12.92 9.88
C CYS C 418 -17.05 -11.92 11.02
N GLY C 419 -17.89 -12.04 12.05
CA GLY C 419 -17.79 -11.22 13.25
C GLY C 419 -16.39 -11.19 13.81
N LEU C 420 -15.75 -12.35 13.86
CA LEU C 420 -14.41 -12.44 14.40
C LEU C 420 -13.39 -11.63 13.60
N VAL C 421 -13.63 -11.51 12.30
CA VAL C 421 -12.79 -10.66 11.48
C VAL C 421 -13.01 -9.17 11.81
N MET C 422 -14.27 -8.72 11.92
CA MET C 422 -14.64 -7.38 12.39
C MET C 422 -13.95 -7.03 13.68
N GLY C 423 -14.08 -7.95 14.65
CA GLY C 423 -13.51 -7.80 15.99
C GLY C 423 -12.01 -7.73 15.95
N MET C 424 -11.41 -8.60 15.15
CA MET C 424 -9.96 -8.56 14.94
C MET C 424 -9.49 -7.20 14.42
N PHE C 425 -10.28 -6.60 13.52
CA PHE C 425 -9.98 -5.28 12.98
C PHE C 425 -10.13 -4.19 14.04
N THR C 426 -11.27 -4.13 14.71
CA THR C 426 -11.52 -3.06 15.67
C THR C 426 -10.49 -3.08 16.79
N ARG C 427 -10.15 -4.25 17.31
CA ARG C 427 -9.13 -4.34 18.35
C ARG C 427 -7.74 -3.94 17.84
N LEU C 428 -7.38 -4.37 16.62
CA LEU C 428 -6.10 -3.98 16.02
C LEU C 428 -5.97 -2.48 15.79
N SER C 429 -7.07 -1.80 15.51
CA SER C 429 -7.03 -0.36 15.30
C SER C 429 -6.87 0.38 16.63
N ASN C 430 -7.42 -0.19 17.69
CA ASN C 430 -7.33 0.37 19.02
C ASN C 430 -6.02 0.05 19.74
N CYS C 431 -5.14 -0.68 19.06
CA CYS C 431 -3.91 -1.13 19.67
C CYS C 431 -2.92 0.00 19.84
N ALA C 432 -1.97 -0.20 20.75
CA ALA C 432 -1.04 0.83 21.13
C ALA C 432 0.16 0.93 20.19
N ASN C 433 0.58 -0.17 19.57
CA ASN C 433 1.74 -0.12 18.65
C ASN C 433 1.34 0.39 17.25
N ARG C 434 1.64 1.66 16.99
CA ARG C 434 1.11 2.34 15.82
C ARG C 434 1.90 2.04 14.56
N THR C 435 3.22 1.83 14.72
CA THR C 435 4.07 1.40 13.62
C THR C 435 3.50 0.12 13.00
N ILE C 436 3.12 -0.84 13.83
CA ILE C 436 2.65 -2.15 13.36
C ILE C 436 1.30 -2.04 12.68
N LEU C 437 0.37 -1.35 13.33
CA LEU C 437 -0.88 -1.03 12.68
C LEU C 437 -0.68 -0.55 11.22
N TYR C 438 0.17 0.48 11.07
CA TYR C 438 0.30 1.20 9.82
C TYR C 438 0.81 0.33 8.68
N ASP C 439 1.82 -0.49 8.95
CA ASP C 439 2.32 -1.40 7.94
C ASP C 439 1.23 -2.29 7.36
N MET C 440 0.19 -2.56 8.15
CA MET C 440 -0.77 -3.58 7.81
C MET C 440 -2.14 -3.02 7.53
N TYR C 441 -2.33 -1.77 7.88
CA TYR C 441 -3.62 -1.17 7.86
C TYR C 441 -4.41 -1.47 6.56
N SER C 442 -3.85 -1.17 5.38
CA SER C 442 -4.62 -1.36 4.17
C SER C 442 -4.96 -2.87 3.94
N TYR C 443 -4.06 -3.74 4.37
CA TYR C 443 -4.21 -5.15 4.15
C TYR C 443 -5.40 -5.67 5.00
N VAL C 444 -5.45 -5.31 6.26
CA VAL C 444 -6.54 -5.77 7.11
C VAL C 444 -7.85 -5.04 6.83
N TRP C 445 -7.81 -3.77 6.42
CA TRP C 445 -9.06 -3.10 6.08
C TRP C 445 -9.70 -3.81 4.88
N ASP C 446 -8.87 -4.25 3.94
CA ASP C 446 -9.33 -4.94 2.76
C ASP C 446 -10.14 -6.20 3.15
N ILE C 447 -9.55 -7.07 3.96
CA ILE C 447 -10.22 -8.29 4.35
C ILE C 447 -11.52 -8.05 5.16
N LYS C 448 -11.49 -7.08 6.08
CA LYS C 448 -12.66 -6.61 6.80
C LYS C 448 -13.77 -6.19 5.83
N SER C 449 -13.41 -5.41 4.80
CA SER C 449 -14.37 -4.89 3.83
C SER C 449 -15.05 -6.02 3.12
N ILE C 450 -14.23 -6.91 2.57
CA ILE C 450 -14.73 -8.05 1.81
C ILE C 450 -15.53 -8.97 2.72
N MET C 451 -15.06 -9.22 3.95
CA MET C 451 -15.78 -10.11 4.85
C MET C 451 -17.14 -9.54 5.18
N SER C 452 -17.22 -8.23 5.26
CA SER C 452 -18.50 -7.65 5.64
C SER C 452 -19.49 -7.75 4.46
N MET C 453 -18.96 -7.68 3.23
CA MET C 453 -19.77 -7.81 2.01
C MET C 453 -20.17 -9.27 1.88
N VAL C 454 -19.25 -10.19 2.17
CA VAL C 454 -19.55 -11.62 2.22
C VAL C 454 -20.59 -12.00 3.31
N LYS C 455 -20.45 -11.48 4.53
CA LYS C 455 -21.51 -11.57 5.56
C LYS C 455 -22.85 -11.05 5.01
N SER C 456 -22.79 -9.87 4.44
CA SER C 456 -23.95 -9.22 3.86
C SER C 456 -24.63 -10.15 2.82
N PHE C 457 -23.82 -10.73 1.93
CA PHE C 457 -24.33 -11.54 0.84
C PHE C 457 -24.92 -12.85 1.32
N VAL C 458 -24.30 -13.45 2.33
CA VAL C 458 -24.90 -14.59 2.99
C VAL C 458 -26.25 -14.20 3.61
N GLN C 459 -26.30 -13.10 4.33
CA GLN C 459 -27.57 -12.56 4.87
C GLN C 459 -28.61 -12.49 3.79
N TRP C 460 -28.27 -11.88 2.66
CA TRP C 460 -29.21 -11.63 1.57
C TRP C 460 -29.73 -12.94 1.02
N LEU C 461 -28.85 -13.92 0.87
CA LEU C 461 -29.25 -15.21 0.31
C LEU C 461 -30.30 -15.92 1.18
N GLY C 462 -30.12 -15.81 2.50
CA GLY C 462 -31.04 -16.33 3.50
C GLY C 462 -32.39 -15.62 3.44
N CYS C 463 -32.38 -14.30 3.25
CA CYS C 463 -33.59 -13.49 3.13
C CYS C 463 -34.36 -13.66 1.83
N ARG C 464 -33.91 -14.56 0.95
CA ARG C 464 -34.53 -14.75 -0.38
C ARG C 464 -35.99 -15.24 -0.31
N SER C 465 -36.28 -16.08 0.68
CA SER C 465 -37.61 -16.64 0.91
C SER C 465 -38.69 -15.62 1.26
N HIS C 466 -38.28 -14.46 1.77
CA HIS C 466 -39.22 -13.41 2.15
C HIS C 466 -38.99 -12.05 1.50
N SER C 467 -38.36 -12.04 0.33
CA SER C 467 -38.00 -10.79 -0.36
C SER C 467 -37.56 -11.11 -1.75
N SER C 468 -37.86 -10.22 -2.68
CA SER C 468 -37.35 -10.32 -4.05
C SER C 468 -36.49 -9.11 -4.44
N ALA C 469 -36.12 -8.27 -3.47
CA ALA C 469 -35.14 -7.22 -3.69
C ALA C 469 -33.81 -7.88 -4.08
N GLN C 470 -33.10 -7.30 -5.04
CA GLN C 470 -31.80 -7.84 -5.46
C GLN C 470 -30.69 -7.36 -4.51
N PHE C 471 -29.50 -7.94 -4.62
CA PHE C 471 -28.49 -7.76 -3.60
C PHE C 471 -28.07 -6.30 -3.32
N LEU C 472 -27.58 -5.60 -4.33
CA LEU C 472 -27.37 -4.16 -4.19
C LEU C 472 -28.67 -3.44 -4.56
N ILE C 473 -29.12 -2.59 -3.64
CA ILE C 473 -30.29 -1.76 -3.89
C ILE C 473 -29.85 -0.31 -4.02
N GLY C 474 -30.36 0.36 -5.05
CA GLY C 474 -30.16 1.79 -5.26
C GLY C 474 -28.82 2.13 -5.88
N ASP C 475 -28.28 3.28 -5.48
CA ASP C 475 -27.06 3.83 -6.04
C ASP C 475 -25.87 3.63 -5.08
N GLN C 476 -24.77 3.16 -5.65
CA GLN C 476 -23.68 2.64 -4.85
C GLN C 476 -22.53 3.63 -4.67
N GLU C 477 -21.97 3.54 -3.46
CA GLU C 477 -20.71 4.17 -3.14
C GLU C 477 -19.61 3.38 -3.87
N PRO C 478 -18.46 4.01 -4.16
CA PRO C 478 -17.49 3.37 -5.03
C PRO C 478 -16.92 2.04 -4.56
N TRP C 479 -16.87 1.80 -3.25
CA TRP C 479 -16.30 0.55 -2.73
C TRP C 479 -17.24 -0.66 -2.85
N ALA C 480 -18.41 -0.46 -3.45
CA ALA C 480 -19.26 -1.57 -3.88
C ALA C 480 -18.56 -2.29 -5.04
N PHE C 481 -17.79 -1.54 -5.81
CA PHE C 481 -17.16 -2.04 -7.02
C PHE C 481 -15.64 -1.84 -6.97
N ARG C 482 -14.96 -2.95 -6.70
CA ARG C 482 -13.58 -2.93 -6.26
C ARG C 482 -12.58 -3.01 -7.40
N GLY C 483 -11.45 -2.34 -7.24
CA GLY C 483 -10.27 -2.62 -8.06
C GLY C 483 -9.83 -1.59 -9.06
N GLY C 484 -10.72 -0.67 -9.40
CA GLY C 484 -10.47 0.34 -10.45
C GLY C 484 -10.13 -0.30 -11.79
N LEU C 485 -9.60 0.50 -12.72
CA LEU C 485 -9.23 0.00 -14.04
C LEU C 485 -8.51 -1.34 -14.04
N ALA C 486 -7.53 -1.50 -13.13
CA ALA C 486 -6.72 -2.72 -13.06
C ALA C 486 -7.63 -3.90 -12.90
N GLY C 487 -8.47 -3.83 -11.86
CA GLY C 487 -9.50 -4.84 -11.60
C GLY C 487 -10.37 -5.13 -12.81
N GLU C 488 -10.59 -4.12 -13.66
CA GLU C 488 -11.44 -4.32 -14.81
C GLU C 488 -10.79 -5.17 -15.86
N PHE C 489 -9.49 -4.93 -16.08
CA PHE C 489 -8.74 -5.72 -17.00
C PHE C 489 -8.56 -7.11 -16.44
N GLN C 490 -8.47 -7.29 -15.11
CA GLN C 490 -8.34 -8.65 -14.58
C GLN C 490 -9.57 -9.47 -14.84
N ARG C 491 -10.73 -8.87 -14.74
CA ARG C 491 -11.94 -9.68 -14.84
C ARG C 491 -12.16 -10.18 -16.27
N LEU C 492 -11.38 -9.64 -17.20
CA LEU C 492 -11.45 -10.00 -18.60
C LEU C 492 -10.47 -11.10 -19.00
N LEU C 493 -9.64 -11.52 -18.06
CA LEU C 493 -8.84 -12.68 -18.33
C LEU C 493 -9.60 -13.92 -17.84
N PRO C 494 -9.46 -15.06 -18.57
CA PRO C 494 -10.18 -16.29 -18.18
C PRO C 494 -9.66 -16.98 -16.90
N PRO D 2 11.64 -5.65 -18.00
CA PRO D 2 12.76 -6.55 -17.65
C PRO D 2 12.84 -6.85 -16.14
N TYR D 3 11.81 -7.47 -15.57
CA TYR D 3 11.74 -7.67 -14.10
C TYR D 3 11.63 -9.16 -13.69
N SER D 4 11.05 -9.50 -12.53
CA SER D 4 11.18 -10.89 -11.96
C SER D 4 10.72 -12.15 -12.78
N SER D 5 10.19 -11.98 -14.00
CA SER D 5 9.74 -13.13 -14.83
C SER D 5 10.09 -12.96 -16.32
#